data_4HRT
#
_entry.id   4HRT
#
_cell.length_a   94.353
_cell.length_b   100.958
_cell.length_c   127.165
_cell.angle_alpha   90.00
_cell.angle_beta   90.00
_cell.angle_gamma   90.00
#
_symmetry.space_group_name_H-M   'P 2 2 21'
#
loop_
_entity.id
_entity.type
_entity.pdbx_description
1 polymer 'Globin-2 A chain'
2 polymer 'Hemoglobin B chain'
3 non-polymer 'PROTOPORPHYRIN IX CONTAINING FE'
4 non-polymer 'PHOSPHATE ION'
5 water water
#
loop_
_entity_poly.entity_id
_entity_poly.type
_entity_poly.pdbx_seq_one_letter_code
_entity_poly.pdbx_strand_id
1 'polypeptide(L)'
;(ACE)VDAAVAKVCGSEAIKANLRRSWGVLSADIEATGLMLMSNLFTLRPDTKTYFTRLGDVQKGKANSKLRGHAITLTY
ALNNFVDSLDDPSRLKCVVEKFAVNHINRKISGDAFGAIVEPMKETLKARMGNYYSDDVAGAWAALVGVVQAAL
;
A,C,E,G
2 'polypeptide(L)'
;(ACE)SRVAELANAVVSNADQKDLLRMSWGVLSVDMEGTGLMLMANLFKTSPSAKGKFARLGDVSAGKDNSKLRGHSITL
MYALQNFVDALDDVERLKCVVEKFAVNHINRQISADEFGEIVGPLRQTLKARMGNYFDEDTVAAWASLVAVVQAAL
;
B,D,F,H
#
# COMPACT_ATOMS: atom_id res chain seq x y z
N VAL A 2 17.68 35.03 34.60
CA VAL A 2 16.39 34.77 33.87
C VAL A 2 15.66 36.09 33.56
N ASP A 3 15.55 36.97 34.54
CA ASP A 3 14.82 38.24 34.34
C ASP A 3 15.46 39.08 33.22
N ALA A 4 16.78 39.18 33.22
CA ALA A 4 17.49 39.94 32.18
C ALA A 4 17.31 39.31 30.79
N ALA A 5 17.36 37.99 30.72
CA ALA A 5 17.15 37.27 29.47
C ALA A 5 15.72 37.45 28.95
N VAL A 6 14.74 37.41 29.87
CA VAL A 6 13.34 37.64 29.49
C VAL A 6 13.17 39.06 28.97
N ALA A 7 13.76 40.03 29.68
CA ALA A 7 13.68 41.43 29.25
C ALA A 7 14.27 41.70 27.86
N LYS A 8 15.37 41.02 27.54
CA LYS A 8 16.01 41.16 26.22
C LYS A 8 15.06 40.75 25.08
N VAL A 9 14.28 39.70 25.30
CA VAL A 9 13.34 39.21 24.29
C VAL A 9 12.06 40.06 24.29
N CYS A 10 11.41 40.17 25.44
CA CYS A 10 10.09 40.81 25.54
C CYS A 10 10.14 42.31 25.32
N GLY A 11 11.29 42.91 25.63
CA GLY A 11 11.47 44.35 25.44
C GLY A 11 11.82 44.80 24.04
N SER A 12 12.05 43.84 23.13
CA SER A 12 12.48 44.14 21.76
C SER A 12 11.37 43.85 20.75
N GLU A 13 10.81 44.89 20.15
CA GLU A 13 9.80 44.68 19.12
C GLU A 13 10.37 43.95 17.89
N ALA A 14 11.64 44.22 17.57
CA ALA A 14 12.30 43.53 16.46
C ALA A 14 12.46 42.02 16.70
N ILE A 15 12.94 41.64 17.88
CA ILE A 15 13.05 40.21 18.25
C ILE A 15 11.67 39.54 18.18
N LYS A 16 10.66 40.16 18.79
CA LYS A 16 9.33 39.58 18.83
C LYS A 16 8.73 39.41 17.42
N ALA A 17 8.88 40.43 16.58
CA ALA A 17 8.39 40.36 15.20
C ALA A 17 9.08 39.25 14.41
N ASN A 18 10.40 39.11 14.61
CA ASN A 18 11.14 38.05 13.92
C ASN A 18 10.75 36.65 14.39
N LEU A 19 10.53 36.48 15.69
CA LEU A 19 10.03 35.21 16.25
C LEU A 19 8.63 34.88 15.72
N ARG A 20 7.74 35.88 15.67
CA ARG A 20 6.37 35.64 15.22
C ARG A 20 6.31 35.31 13.73
N ARG A 21 7.08 36.02 12.90
CA ARG A 21 7.04 35.76 11.46
CA ARG A 21 7.07 35.77 11.45
C ARG A 21 7.62 34.38 11.15
N SER A 22 8.74 34.06 11.79
CA SER A 22 9.39 32.78 11.53
C SER A 22 8.53 31.62 12.05
N TRP A 23 7.94 31.76 13.25
CA TRP A 23 7.02 30.74 13.76
C TRP A 23 5.83 30.55 12.81
N GLY A 24 5.28 31.65 12.30
CA GLY A 24 4.22 31.56 11.30
C GLY A 24 4.58 30.65 10.14
N VAL A 25 5.78 30.84 9.60
CA VAL A 25 6.29 29.97 8.52
C VAL A 25 6.43 28.51 8.98
N LEU A 26 7.08 28.29 10.13
CA LEU A 26 7.27 26.93 10.65
C LEU A 26 5.93 26.22 10.89
N SER A 27 4.91 26.98 11.30
CA SER A 27 3.58 26.47 11.58
CA SER A 27 3.60 26.41 11.61
C SER A 27 2.85 25.86 10.38
N ALA A 28 3.36 26.12 9.16
CA ALA A 28 2.78 25.49 7.95
C ALA A 28 2.94 23.96 8.00
N ASP A 29 3.91 23.47 8.77
CA ASP A 29 4.16 22.02 8.89
C ASP A 29 4.97 21.76 10.13
N ILE A 30 4.29 21.68 11.28
CA ILE A 30 5.01 21.52 12.55
C ILE A 30 5.74 20.19 12.62
N GLU A 31 5.17 19.13 12.06
CA GLU A 31 5.80 17.81 12.05
CA GLU A 31 5.83 17.81 12.09
C GLU A 31 7.12 17.84 11.27
N ALA A 32 7.07 18.39 10.05
CA ALA A 32 8.27 18.48 9.22
C ALA A 32 9.32 19.40 9.85
N THR A 33 8.87 20.51 10.45
CA THR A 33 9.77 21.41 11.17
C THR A 33 10.51 20.67 12.31
N GLY A 34 9.77 19.96 13.15
CA GLY A 34 10.37 19.23 14.29
C GLY A 34 11.40 18.21 13.82
N LEU A 35 11.05 17.45 12.80
CA LEU A 35 11.95 16.41 12.28
C LEU A 35 13.19 17.04 11.66
N MET A 36 13.03 18.13 10.93
CA MET A 36 14.16 18.81 10.31
C MET A 36 15.11 19.40 11.36
N LEU A 37 14.55 19.99 12.42
CA LEU A 37 15.37 20.51 13.51
C LEU A 37 16.19 19.40 14.17
N MET A 38 15.54 18.27 14.49
CA MET A 38 16.27 17.15 15.10
C MET A 38 17.35 16.59 14.17
N SER A 39 17.06 16.51 12.87
CA SER A 39 18.06 16.04 11.90
C SER A 39 19.28 16.96 11.89
N ASN A 40 19.05 18.28 11.84
CA ASN A 40 20.14 19.23 11.91
C ASN A 40 20.92 19.17 13.24
N LEU A 41 20.21 18.95 14.35
CA LEU A 41 20.88 18.79 15.65
C LEU A 41 21.87 17.62 15.62
N PHE A 42 21.42 16.46 15.14
CA PHE A 42 22.25 15.26 15.21
C PHE A 42 23.37 15.24 14.16
N THR A 43 23.17 15.95 13.04
CA THR A 43 24.18 16.07 11.98
C THR A 43 25.28 17.08 12.33
N LEU A 44 24.87 18.24 12.83
CA LEU A 44 25.82 19.30 13.16
C LEU A 44 26.43 19.10 14.54
N ARG A 45 25.66 18.52 15.45
CA ARG A 45 26.09 18.34 16.84
C ARG A 45 25.89 16.90 17.30
N PRO A 46 26.61 15.95 16.67
CA PRO A 46 26.41 14.55 17.03
C PRO A 46 26.75 14.22 18.49
N ASP A 47 27.54 15.09 19.13
CA ASP A 47 27.86 14.95 20.56
C ASP A 47 26.59 14.86 21.43
N THR A 48 25.50 15.48 20.96
CA THR A 48 24.25 15.52 21.72
C THR A 48 23.47 14.21 21.69
N LYS A 49 23.87 13.29 20.82
CA LYS A 49 23.19 11.99 20.71
C LYS A 49 23.19 11.20 22.04
N THR A 50 24.20 11.47 22.88
CA THR A 50 24.32 10.82 24.19
CA THR A 50 24.31 10.81 24.17
C THR A 50 23.11 11.05 25.10
N TYR A 51 22.40 12.15 24.90
CA TYR A 51 21.22 12.46 25.73
C TYR A 51 19.95 11.72 25.29
N PHE A 52 19.99 11.10 24.11
CA PHE A 52 18.78 10.56 23.46
C PHE A 52 18.77 9.04 23.28
N THR A 53 19.46 8.34 24.17
CA THR A 53 19.51 6.87 24.12
C THR A 53 18.14 6.23 23.97
N ARG A 54 17.12 6.74 24.68
CA ARG A 54 15.80 6.12 24.64
C ARG A 54 15.22 6.07 23.22
N LEU A 55 15.60 7.04 22.38
CA LEU A 55 15.04 7.15 21.03
C LEU A 55 15.56 6.13 20.02
N GLY A 56 16.65 5.43 20.33
CA GLY A 56 17.21 4.46 19.40
C GLY A 56 17.88 5.11 18.20
N ASP A 57 17.64 4.56 17.01
CA ASP A 57 18.35 4.96 15.79
C ASP A 57 17.77 6.26 15.25
N VAL A 58 18.36 7.39 15.66
CA VAL A 58 17.84 8.69 15.28
C VAL A 58 18.05 9.02 13.80
N GLN A 59 18.98 8.33 13.15
CA GLN A 59 19.22 8.53 11.72
C GLN A 59 18.01 8.14 10.86
N LYS A 60 17.12 7.32 11.41
CA LYS A 60 15.93 6.83 10.71
C LYS A 60 14.86 7.91 10.48
N GLY A 61 14.94 9.04 11.19
CA GLY A 61 13.99 10.13 10.98
C GLY A 61 12.56 9.73 11.31
N LYS A 62 11.61 10.13 10.43
CA LYS A 62 10.18 9.90 10.63
C LYS A 62 9.82 8.44 10.88
N ALA A 63 10.57 7.52 10.28
CA ALA A 63 10.28 6.09 10.39
C ALA A 63 10.53 5.52 11.79
N ASN A 64 11.28 6.27 12.59
CA ASN A 64 11.49 5.99 14.00
C ASN A 64 10.36 6.66 14.80
N SER A 65 9.37 5.88 15.25
CA SER A 65 8.18 6.49 15.89
C SER A 65 8.49 7.24 17.19
N LYS A 66 9.47 6.78 17.94
CA LYS A 66 9.86 7.50 19.17
C LYS A 66 10.48 8.86 18.84
N LEU A 67 11.36 8.89 17.83
CA LEU A 67 11.91 10.16 17.36
C LEU A 67 10.79 11.07 16.82
N ARG A 68 9.88 10.49 16.04
CA ARG A 68 8.76 11.25 15.48
C ARG A 68 7.91 11.88 16.59
N GLY A 69 7.59 11.11 17.63
CA GLY A 69 6.81 11.67 18.74
C GLY A 69 7.53 12.79 19.48
N HIS A 70 8.84 12.62 19.67
CA HIS A 70 9.63 13.67 20.29
C HIS A 70 9.68 14.95 19.43
N ALA A 71 9.95 14.78 18.13
CA ALA A 71 10.07 15.90 17.20
C ALA A 71 8.79 16.72 17.13
N ILE A 72 7.65 16.03 17.05
CA ILE A 72 6.34 16.73 17.06
C ILE A 72 6.14 17.46 18.40
N THR A 73 6.36 16.76 19.50
CA THR A 73 6.12 17.32 20.84
C THR A 73 6.99 18.54 21.14
N LEU A 74 8.24 18.52 20.69
CA LEU A 74 9.15 19.66 20.87
C LEU A 74 8.53 20.96 20.35
N THR A 75 7.83 20.87 19.21
CA THR A 75 7.29 22.09 18.58
C THR A 75 6.20 22.75 19.41
N TYR A 76 5.49 21.97 20.25
CA TYR A 76 4.44 22.56 21.12
C TYR A 76 5.01 23.38 22.28
N ALA A 77 6.25 23.11 22.67
CA ALA A 77 6.95 24.00 23.60
C ALA A 77 7.28 25.33 22.88
N LEU A 78 7.80 25.25 21.65
CA LEU A 78 8.06 26.46 20.85
C LEU A 78 6.78 27.27 20.67
N ASN A 79 5.66 26.59 20.39
CA ASN A 79 4.36 27.25 20.23
C ASN A 79 3.99 28.03 21.48
N ASN A 80 4.13 27.39 22.64
CA ASN A 80 3.87 28.01 23.93
C ASN A 80 4.79 29.22 24.15
N PHE A 81 6.10 29.06 23.88
CA PHE A 81 7.03 30.20 24.03
C PHE A 81 6.59 31.40 23.17
N VAL A 82 6.25 31.15 21.90
CA VAL A 82 5.84 32.25 21.01
C VAL A 82 4.55 32.90 21.52
N ASP A 83 3.62 32.10 22.02
CA ASP A 83 2.36 32.62 22.58
C ASP A 83 2.56 33.37 23.90
N SER A 84 3.78 33.34 24.43
CA SER A 84 4.13 33.99 25.71
C SER A 84 4.84 35.33 25.54
N LEU A 85 5.16 35.72 24.29
CA LEU A 85 6.08 36.84 24.05
C LEU A 85 5.61 38.22 24.51
N ASP A 86 4.29 38.44 24.58
CA ASP A 86 3.68 39.71 24.98
CA ASP A 86 3.80 39.74 25.00
C ASP A 86 3.71 39.89 26.52
N ASP A 87 4.08 38.83 27.26
CA ASP A 87 3.92 38.83 28.71
C ASP A 87 5.17 38.27 29.41
N PRO A 88 6.09 39.13 29.88
CA PRO A 88 7.31 38.65 30.55
C PRO A 88 7.03 37.66 31.69
N SER A 89 5.96 37.87 32.45
CA SER A 89 5.65 36.98 33.57
C SER A 89 5.29 35.59 33.08
N ARG A 90 4.59 35.52 31.95
CA ARG A 90 4.27 34.22 31.36
C ARG A 90 5.48 33.53 30.75
N LEU A 91 6.28 34.24 29.96
CA LEU A 91 7.47 33.63 29.39
C LEU A 91 8.36 33.08 30.51
N LYS A 92 8.52 33.84 31.59
CA LYS A 92 9.32 33.39 32.73
C LYS A 92 8.79 32.08 33.31
N CYS A 93 7.50 32.02 33.67
CA CYS A 93 7.02 30.81 34.36
C CYS A 93 6.91 29.59 33.43
N VAL A 94 6.64 29.84 32.16
CA VAL A 94 6.61 28.75 31.15
C VAL A 94 8.01 28.21 30.90
N VAL A 95 9.02 29.07 30.78
CA VAL A 95 10.41 28.61 30.62
C VAL A 95 10.91 27.89 31.87
N GLU A 96 10.60 28.42 33.06
CA GLU A 96 11.05 27.74 34.27
CA GLU A 96 10.99 27.77 34.32
C GLU A 96 10.40 26.37 34.39
N LYS A 97 9.11 26.24 34.02
CA LYS A 97 8.42 24.93 33.97
C LYS A 97 9.14 23.98 33.01
N PHE A 98 9.40 24.46 31.80
CA PHE A 98 10.09 23.71 30.74
C PHE A 98 11.47 23.22 31.19
N ALA A 99 12.17 24.07 31.96
CA ALA A 99 13.53 23.77 32.39
C ALA A 99 13.63 22.60 33.36
N VAL A 100 12.56 22.35 34.13
CA VAL A 100 12.61 21.34 35.20
C VAL A 100 13.14 19.99 34.73
N ASN A 101 12.52 19.42 33.68
CA ASN A 101 12.97 18.10 33.21
C ASN A 101 14.34 18.15 32.55
N HIS A 102 14.67 19.27 31.92
CA HIS A 102 15.99 19.44 31.28
C HIS A 102 17.12 19.50 32.32
N ILE A 103 16.86 20.19 33.44
CA ILE A 103 17.77 20.17 34.59
C ILE A 103 17.93 18.73 35.11
N ASN A 104 16.81 18.01 35.21
CA ASN A 104 16.84 16.62 35.70
C ASN A 104 17.67 15.69 34.82
N ARG A 105 17.68 15.98 33.52
CA ARG A 105 18.47 15.21 32.54
C ARG A 105 19.93 15.69 32.47
N LYS A 106 20.32 16.62 33.36
CA LYS A 106 21.68 17.15 33.43
C LYS A 106 22.12 17.81 32.13
N ILE A 107 21.23 18.62 31.56
CA ILE A 107 21.52 19.43 30.38
C ILE A 107 21.82 20.85 30.85
N SER A 108 23.09 21.24 30.75
CA SER A 108 23.54 22.57 31.17
C SER A 108 23.10 23.60 30.15
N GLY A 109 23.20 24.88 30.52
CA GLY A 109 22.97 25.98 29.56
C GLY A 109 23.85 25.85 28.31
N ASP A 110 25.13 25.55 28.50
CA ASP A 110 26.05 25.34 27.38
C ASP A 110 25.61 24.18 26.48
N ALA A 111 25.20 23.07 27.09
CA ALA A 111 24.71 21.92 26.30
C ALA A 111 23.46 22.25 25.50
N PHE A 112 22.50 22.92 26.15
CA PHE A 112 21.25 23.29 25.49
C PHE A 112 21.54 24.20 24.30
N GLY A 113 22.56 25.04 24.42
CA GLY A 113 22.97 25.94 23.33
C GLY A 113 23.37 25.25 22.04
N ALA A 114 23.60 23.93 22.10
CA ALA A 114 23.88 23.16 20.88
C ALA A 114 22.76 23.27 19.85
N ILE A 115 21.56 23.64 20.30
CA ILE A 115 20.41 23.79 19.38
C ILE A 115 20.50 25.00 18.44
N VAL A 116 21.35 25.98 18.76
CA VAL A 116 21.31 27.29 18.07
C VAL A 116 21.66 27.20 16.57
N GLU A 117 22.82 26.61 16.23
CA GLU A 117 23.17 26.50 14.82
C GLU A 117 22.22 25.56 14.04
N PRO A 118 21.82 24.42 14.63
CA PRO A 118 20.77 23.62 13.99
C PRO A 118 19.48 24.40 13.72
N MET A 119 19.07 25.27 14.65
CA MET A 119 17.88 26.09 14.44
C MET A 119 18.13 27.07 13.29
N LYS A 120 19.31 27.69 13.25
CA LYS A 120 19.65 28.61 12.15
C LYS A 120 19.54 27.91 10.79
N GLU A 121 20.08 26.70 10.67
CA GLU A 121 20.02 25.97 9.41
CA GLU A 121 20.00 25.96 9.39
C GLU A 121 18.57 25.59 9.02
N THR A 122 17.77 25.23 10.03
CA THR A 122 16.35 24.91 9.82
C THR A 122 15.62 26.14 9.28
N LEU A 123 15.86 27.28 9.91
CA LEU A 123 15.27 28.56 9.45
C LEU A 123 15.68 28.89 8.00
N LYS A 124 16.95 28.70 7.66
CA LYS A 124 17.42 28.96 6.29
C LYS A 124 16.69 28.07 5.28
N ALA A 125 16.51 26.80 5.63
CA ALA A 125 15.90 25.81 4.75
C ALA A 125 14.37 25.87 4.65
N ARG A 126 13.74 26.66 5.53
CA ARG A 126 12.27 26.77 5.55
C ARG A 126 11.71 28.18 5.29
N MET A 127 12.54 29.21 5.43
CA MET A 127 12.06 30.60 5.28
C MET A 127 12.37 31.25 3.93
N GLY A 128 13.15 30.59 3.07
CA GLY A 128 13.54 31.20 1.80
C GLY A 128 14.15 32.58 2.02
N ASN A 129 13.75 33.52 1.17
CA ASN A 129 14.31 34.87 1.19
CA ASN A 129 14.31 34.88 1.21
C ASN A 129 13.88 35.71 2.43
N TYR A 130 12.95 35.16 3.23
CA TYR A 130 12.53 35.83 4.47
C TYR A 130 13.53 35.57 5.61
N TYR A 131 14.46 34.64 5.39
CA TYR A 131 15.54 34.43 6.37
C TYR A 131 16.44 35.68 6.46
N SER A 132 16.88 36.00 7.68
CA SER A 132 17.93 36.97 7.89
C SER A 132 18.77 36.60 9.11
N ASP A 133 19.97 37.16 9.21
CA ASP A 133 20.79 37.07 10.41
C ASP A 133 20.02 37.47 11.67
N ASP A 134 19.19 38.51 11.57
CA ASP A 134 18.39 38.97 12.70
C ASP A 134 17.35 37.94 13.17
N VAL A 135 16.82 37.14 12.23
CA VAL A 135 15.89 36.07 12.61
C VAL A 135 16.64 35.03 13.45
N ALA A 136 17.82 34.63 13.00
CA ALA A 136 18.64 33.70 13.77
C ALA A 136 18.96 34.27 15.16
N GLY A 137 19.32 35.56 15.18
CA GLY A 137 19.61 36.26 16.44
C GLY A 137 18.44 36.25 17.42
N ALA A 138 17.22 36.42 16.89
CA ALA A 138 16.02 36.37 17.70
C ALA A 138 15.86 35.03 18.38
N TRP A 139 16.08 33.94 17.63
CA TRP A 139 16.00 32.60 18.19
C TRP A 139 17.11 32.32 19.20
N ALA A 140 18.31 32.84 18.95
CA ALA A 140 19.39 32.73 19.93
C ALA A 140 19.02 33.45 21.24
N ALA A 141 18.36 34.60 21.15
CA ALA A 141 17.92 35.30 22.36
C ALA A 141 16.86 34.50 23.14
N LEU A 142 15.92 33.90 22.42
CA LEU A 142 14.87 33.09 23.06
C LEU A 142 15.50 31.86 23.73
N VAL A 143 16.39 31.17 23.01
CA VAL A 143 17.14 30.04 23.59
C VAL A 143 17.93 30.51 24.82
N GLY A 144 18.44 31.74 24.78
CA GLY A 144 19.12 32.34 25.94
C GLY A 144 18.31 32.41 27.22
N VAL A 145 16.98 32.53 27.09
CA VAL A 145 16.09 32.51 28.26
C VAL A 145 16.12 31.12 28.92
N VAL A 146 16.00 30.07 28.11
CA VAL A 146 16.15 28.68 28.60
C VAL A 146 17.52 28.48 29.23
N GLN A 147 18.58 28.94 28.56
CA GLN A 147 19.94 28.73 29.08
C GLN A 147 20.12 29.35 30.46
N ALA A 148 19.54 30.53 30.66
CA ALA A 148 19.58 31.21 31.96
C ALA A 148 18.85 30.43 33.07
N ALA A 149 17.81 29.69 32.70
CA ALA A 149 17.00 28.90 33.63
C ALA A 149 17.61 27.54 33.99
N LEU A 150 18.60 27.09 33.22
CA LEU A 150 19.21 25.77 33.44
C LEU A 150 20.39 25.79 34.42
N ARG B 3 -2.91 -2.37 22.99
CA ARG B 3 -4.19 -1.71 23.37
C ARG B 3 -4.26 -0.25 22.96
N VAL B 4 -3.12 0.46 23.05
CA VAL B 4 -3.04 1.83 22.56
C VAL B 4 -3.46 1.89 21.09
N ALA B 5 -2.91 0.98 20.28
CA ALA B 5 -3.24 0.91 18.84
C ALA B 5 -4.73 0.68 18.55
N GLU B 6 -5.33 -0.29 19.24
CA GLU B 6 -6.76 -0.58 19.10
C GLU B 6 -7.61 0.65 19.40
N LEU B 7 -7.35 1.27 20.55
CA LEU B 7 -8.14 2.44 20.98
C LEU B 7 -7.91 3.66 20.08
N ALA B 8 -6.64 3.88 19.70
CA ALA B 8 -6.30 4.99 18.80
C ALA B 8 -6.99 4.82 17.44
N ASN B 9 -6.98 3.60 16.91
CA ASN B 9 -7.67 3.32 15.64
C ASN B 9 -9.16 3.67 15.69
N ALA B 10 -9.81 3.35 16.81
CA ALA B 10 -11.24 3.61 16.94
C ALA B 10 -11.52 5.12 17.07
N VAL B 11 -10.67 5.85 17.79
CA VAL B 11 -10.80 7.32 17.85
C VAL B 11 -10.64 7.95 16.46
N VAL B 12 -9.60 7.56 15.74
CA VAL B 12 -9.34 8.14 14.40
C VAL B 12 -10.46 7.80 13.40
N SER B 13 -11.11 6.66 13.59
CA SER B 13 -12.18 6.18 12.70
C SER B 13 -13.57 6.75 13.01
N ASN B 14 -13.72 7.37 14.17
CA ASN B 14 -15.02 7.81 14.65
C ASN B 14 -15.21 9.30 14.33
N ALA B 15 -15.85 9.57 13.20
CA ALA B 15 -16.00 10.94 12.71
C ALA B 15 -16.81 11.83 13.64
N ASP B 16 -17.92 11.31 14.15
CA ASP B 16 -18.80 12.07 15.04
C ASP B 16 -18.08 12.46 16.34
N GLN B 17 -17.30 11.52 16.86
CA GLN B 17 -16.55 11.77 18.08
C GLN B 17 -15.43 12.79 17.88
N LYS B 18 -14.71 12.70 16.75
CA LYS B 18 -13.66 13.68 16.46
C LYS B 18 -14.26 15.07 16.32
N ASP B 19 -15.42 15.16 15.67
CA ASP B 19 -16.13 16.44 15.56
C ASP B 19 -16.48 17.05 16.92
N LEU B 20 -16.92 16.23 17.87
CA LEU B 20 -17.21 16.72 19.23
C LEU B 20 -15.93 17.19 19.94
N LEU B 21 -14.84 16.44 19.77
CA LEU B 21 -13.55 16.84 20.35
C LEU B 21 -13.07 18.20 19.79
N ARG B 22 -13.14 18.37 18.47
CA ARG B 22 -12.65 19.61 17.86
C ARG B 22 -13.54 20.80 18.19
N MET B 23 -14.86 20.60 18.21
CA MET B 23 -15.78 21.69 18.52
CA MET B 23 -15.76 21.71 18.52
C MET B 23 -15.55 22.16 19.96
N SER B 24 -15.57 21.22 20.88
CA SER B 24 -15.36 21.60 22.28
C SER B 24 -13.96 22.17 22.50
N TRP B 25 -12.95 21.63 21.81
CA TRP B 25 -11.58 22.18 21.92
C TRP B 25 -11.53 23.63 21.42
N GLY B 26 -12.31 23.93 20.38
CA GLY B 26 -12.39 25.33 19.92
C GLY B 26 -12.80 26.31 21.01
N VAL B 27 -13.65 25.86 21.93
CA VAL B 27 -14.06 26.67 23.07
C VAL B 27 -13.03 26.64 24.21
N LEU B 28 -12.55 25.44 24.57
CA LEU B 28 -11.55 25.31 25.65
C LEU B 28 -10.25 26.08 25.38
N SER B 29 -9.86 26.20 24.10
CA SER B 29 -8.59 26.82 23.72
C SER B 29 -8.64 28.33 23.47
N VAL B 30 -9.82 28.95 23.59
CA VAL B 30 -9.94 30.41 23.46
C VAL B 30 -9.01 31.08 24.48
N ASP B 31 -9.03 30.55 25.70
CA ASP B 31 -8.27 31.10 26.82
C ASP B 31 -7.43 29.94 27.40
N MET B 32 -6.28 29.68 26.79
CA MET B 32 -5.45 28.52 27.19
C MET B 32 -5.09 28.63 28.67
N GLU B 33 -4.63 29.80 29.09
CA GLU B 33 -4.22 29.99 30.48
C GLU B 33 -5.39 29.81 31.45
N GLY B 34 -6.50 30.49 31.21
CA GLY B 34 -7.63 30.44 32.13
C GLY B 34 -8.25 29.06 32.23
N THR B 35 -8.40 28.40 31.08
CA THR B 35 -8.97 27.06 31.07
C THR B 35 -8.06 26.03 31.74
N GLY B 36 -6.75 26.13 31.50
CA GLY B 36 -5.77 25.26 32.15
C GLY B 36 -5.86 25.37 33.65
N LEU B 37 -5.94 26.60 34.17
CA LEU B 37 -6.02 26.81 35.61
C LEU B 37 -7.32 26.24 36.19
N MET B 38 -8.42 26.44 35.48
CA MET B 38 -9.72 25.91 35.88
C MET B 38 -9.70 24.39 36.01
N LEU B 39 -9.14 23.71 35.01
CA LEU B 39 -9.02 22.25 34.99
C LEU B 39 -8.21 21.78 36.19
N MET B 40 -7.07 22.41 36.43
CA MET B 40 -6.21 22.01 37.57
C MET B 40 -6.88 22.26 38.92
N ALA B 41 -7.56 23.40 39.06
CA ALA B 41 -8.27 23.71 40.31
C ALA B 41 -9.36 22.66 40.59
N ASN B 42 -10.07 22.25 39.55
CA ASN B 42 -11.09 21.19 39.69
C ASN B 42 -10.47 19.86 40.11
N LEU B 43 -9.32 19.52 39.53
CA LEU B 43 -8.59 18.31 39.93
C LEU B 43 -8.23 18.32 41.41
N PHE B 44 -7.63 19.42 41.88
CA PHE B 44 -7.20 19.51 43.29
C PHE B 44 -8.37 19.48 44.28
N LYS B 45 -9.51 20.05 43.89
CA LYS B 45 -10.72 20.05 44.71
C LYS B 45 -11.31 18.63 44.83
N THR B 46 -11.32 17.91 43.72
CA THR B 46 -11.99 16.62 43.63
C THR B 46 -11.15 15.44 44.15
N SER B 47 -9.85 15.45 43.82
CA SER B 47 -8.91 14.40 44.18
C SER B 47 -7.77 15.02 45.00
N PRO B 48 -7.99 15.22 46.32
CA PRO B 48 -6.94 15.85 47.14
C PRO B 48 -5.56 15.17 47.03
N SER B 49 -5.54 13.86 46.81
CA SER B 49 -4.28 13.11 46.61
C SER B 49 -3.40 13.68 45.48
N ALA B 50 -4.03 14.36 44.52
CA ALA B 50 -3.27 14.96 43.41
C ALA B 50 -2.30 16.04 43.89
N LYS B 51 -2.65 16.73 44.98
CA LYS B 51 -1.77 17.77 45.54
C LYS B 51 -0.39 17.20 45.85
N GLY B 52 -0.37 15.98 46.39
CA GLY B 52 0.86 15.27 46.72
C GLY B 52 1.72 14.96 45.50
N LYS B 53 1.10 14.52 44.41
CA LYS B 53 1.84 14.23 43.17
C LYS B 53 2.45 15.51 42.63
N PHE B 54 1.75 16.63 42.88
CA PHE B 54 2.18 17.94 42.42
C PHE B 54 2.90 18.75 43.50
N ALA B 55 3.58 18.06 44.41
CA ALA B 55 4.25 18.73 45.53
C ALA B 55 5.25 19.80 45.12
N ARG B 56 5.94 19.63 43.98
CA ARG B 56 6.92 20.61 43.55
C ARG B 56 6.27 21.98 43.31
N LEU B 57 4.98 22.01 43.02
CA LEU B 57 4.26 23.27 42.76
C LEU B 57 4.04 24.10 44.03
N GLY B 58 4.25 23.51 45.20
CA GLY B 58 3.98 24.21 46.45
C GLY B 58 2.49 24.30 46.75
N ASP B 59 2.09 25.41 47.37
CA ASP B 59 0.71 25.58 47.83
C ASP B 59 -0.23 25.84 46.66
N VAL B 60 -1.05 24.85 46.33
CA VAL B 60 -2.02 24.92 45.23
C VAL B 60 -3.47 25.15 45.71
N SER B 61 -3.64 25.74 46.88
CA SER B 61 -4.99 25.99 47.42
C SER B 61 -5.75 27.06 46.63
N ASP B 65 -2.44 32.54 43.61
CA ASP B 65 -1.19 33.23 43.37
C ASP B 65 -0.02 32.24 43.44
N ASN B 66 0.16 31.48 42.36
CA ASN B 66 1.19 30.45 42.29
C ASN B 66 1.76 30.36 40.86
N SER B 67 2.97 30.87 40.67
CA SER B 67 3.56 30.93 39.32
C SER B 67 3.94 29.56 38.76
N LYS B 68 4.32 28.62 39.65
CA LYS B 68 4.64 27.27 39.20
CA LYS B 68 4.64 27.27 39.21
C LYS B 68 3.38 26.57 38.68
N LEU B 69 2.27 26.74 39.40
CA LEU B 69 0.99 26.19 38.95
C LEU B 69 0.54 26.87 37.64
N ARG B 70 0.75 28.17 37.52
CA ARG B 70 0.43 28.89 36.28
C ARG B 70 1.22 28.30 35.11
N GLY B 71 2.52 28.11 35.31
CA GLY B 71 3.37 27.54 34.26
C GLY B 71 2.95 26.13 33.86
N HIS B 72 2.67 25.29 34.87
CA HIS B 72 2.20 23.94 34.59
C HIS B 72 0.84 23.91 33.85
N SER B 73 -0.11 24.73 34.31
CA SER B 73 -1.45 24.68 33.75
CA SER B 73 -1.47 24.77 33.77
C SER B 73 -1.52 25.18 32.31
N ILE B 74 -0.72 26.21 31.97
CA ILE B 74 -0.60 26.64 30.57
C ILE B 74 0.00 25.50 29.72
N THR B 75 1.08 24.91 30.23
CA THR B 75 1.82 23.87 29.50
C THR B 75 0.95 22.62 29.24
N LEU B 76 0.11 22.23 30.21
CA LEU B 76 -0.81 21.10 30.04
CA LEU B 76 -0.77 21.08 30.00
C LEU B 76 -1.69 21.30 28.80
N MET B 77 -2.14 22.54 28.59
CA MET B 77 -3.05 22.80 27.46
C MET B 77 -2.42 22.58 26.10
N TYR B 78 -1.09 22.76 26.01
CA TYR B 78 -0.37 22.47 24.76
C TYR B 78 -0.19 20.96 24.50
N ALA B 79 -0.31 20.13 25.52
CA ALA B 79 -0.35 18.68 25.27
C ALA B 79 -1.72 18.28 24.72
N LEU B 80 -2.78 18.90 25.26
CA LEU B 80 -4.11 18.69 24.69
C LEU B 80 -4.19 19.15 23.23
N GLN B 81 -3.58 20.30 22.91
CA GLN B 81 -3.53 20.76 21.51
C GLN B 81 -2.85 19.73 20.61
N ASN B 82 -1.71 19.19 21.06
CA ASN B 82 -0.96 18.15 20.37
C ASN B 82 -1.87 16.93 20.10
N PHE B 83 -2.57 16.42 21.13
CA PHE B 83 -3.51 15.29 20.91
C PHE B 83 -4.57 15.63 19.86
N VAL B 84 -5.18 16.81 19.97
CA VAL B 84 -6.27 17.20 19.06
C VAL B 84 -5.73 17.28 17.62
N ASP B 85 -4.52 17.81 17.47
CA ASP B 85 -3.89 17.91 16.13
C ASP B 85 -3.53 16.56 15.51
N ALA B 86 -3.56 15.49 16.31
CA ALA B 86 -3.20 14.14 15.84
C ALA B 86 -4.41 13.27 15.49
N LEU B 87 -5.62 13.82 15.61
CA LEU B 87 -6.83 12.98 15.53
C LEU B 87 -7.12 12.33 14.17
N ASP B 88 -6.50 12.85 13.10
CA ASP B 88 -6.74 12.30 11.75
C ASP B 88 -5.70 11.29 11.25
N ASP B 89 -4.69 10.99 12.07
CA ASP B 89 -3.57 10.14 11.65
C ASP B 89 -3.25 9.18 12.81
N VAL B 90 -3.59 7.90 12.64
CA VAL B 90 -3.42 6.88 13.69
CA VAL B 90 -3.44 6.97 13.76
C VAL B 90 -1.98 6.80 14.23
N GLU B 91 -1.03 6.74 13.30
CA GLU B 91 0.37 6.60 13.68
C GLU B 91 0.90 7.85 14.40
N ARG B 92 0.44 9.03 13.97
CA ARG B 92 0.77 10.25 14.70
C ARG B 92 0.18 10.25 16.11
N LEU B 93 -1.11 9.89 16.25
CA LEU B 93 -1.75 9.84 17.57
C LEU B 93 -1.02 8.86 18.49
N LYS B 94 -0.73 7.65 17.99
CA LYS B 94 -0.04 6.67 18.81
CA LYS B 94 -0.03 6.66 18.80
C LYS B 94 1.31 7.19 19.30
N CYS B 95 2.11 7.77 18.39
CA CYS B 95 3.45 8.21 18.77
C CYS B 95 3.46 9.40 19.74
N VAL B 96 2.50 10.30 19.62
CA VAL B 96 2.45 11.45 20.55
C VAL B 96 1.92 11.02 21.93
N VAL B 97 0.97 10.08 21.95
CA VAL B 97 0.50 9.53 23.22
C VAL B 97 1.62 8.77 23.95
N GLU B 98 2.36 7.93 23.22
CA GLU B 98 3.43 7.17 23.85
CA GLU B 98 3.46 7.16 23.81
C GLU B 98 4.55 8.08 24.37
N LYS B 99 4.87 9.13 23.62
CA LYS B 99 5.86 10.13 24.06
C LYS B 99 5.41 10.81 25.36
N PHE B 100 4.16 11.28 25.38
CA PHE B 100 3.53 11.91 26.54
C PHE B 100 3.59 11.02 27.79
N ALA B 101 3.38 9.72 27.57
CA ALA B 101 3.28 8.78 28.67
C ALA B 101 4.60 8.56 29.40
N VAL B 102 5.73 8.76 28.71
CA VAL B 102 7.05 8.41 29.29
C VAL B 102 7.24 9.03 30.67
N ASN B 103 7.08 10.35 30.77
CA ASN B 103 7.27 11.01 32.07
C ASN B 103 6.21 10.64 33.10
N HIS B 104 4.98 10.37 32.64
CA HIS B 104 3.89 10.03 33.55
C HIS B 104 4.08 8.63 34.16
N ILE B 105 4.55 7.70 33.33
CA ILE B 105 4.99 6.37 33.82
C ILE B 105 6.09 6.54 34.86
N ASN B 106 7.09 7.38 34.56
CA ASN B 106 8.21 7.55 35.48
C ASN B 106 7.79 8.14 36.83
N ARG B 107 6.77 9.00 36.82
CA ARG B 107 6.27 9.59 38.06
CA ARG B 107 6.22 9.61 38.04
C ARG B 107 5.28 8.67 38.78
N GLN B 108 5.11 7.45 38.26
CA GLN B 108 4.24 6.45 38.87
C GLN B 108 2.78 6.89 38.92
N ILE B 109 2.33 7.51 37.83
CA ILE B 109 0.92 7.84 37.66
C ILE B 109 0.24 6.71 36.89
N SER B 110 -0.55 5.93 37.62
CA SER B 110 -1.25 4.78 37.04
C SER B 110 -2.38 5.20 36.11
N ALA B 111 -2.87 4.26 35.32
CA ALA B 111 -4.06 4.52 34.49
C ALA B 111 -5.24 4.98 35.36
N ASP B 112 -5.43 4.36 36.51
CA ASP B 112 -6.51 4.73 37.43
C ASP B 112 -6.36 6.15 37.96
N GLU B 113 -5.14 6.52 38.34
CA GLU B 113 -4.89 7.88 38.82
C GLU B 113 -5.10 8.92 37.70
N PHE B 114 -4.63 8.60 36.49
CA PHE B 114 -4.75 9.54 35.37
C PHE B 114 -6.22 9.83 35.06
N GLY B 115 -7.08 8.82 35.18
CA GLY B 115 -8.52 8.97 34.95
C GLY B 115 -9.23 9.92 35.90
N GLU B 116 -8.55 10.33 36.98
CA GLU B 116 -9.04 11.41 37.84
C GLU B 116 -9.28 12.73 37.09
N ILE B 117 -8.70 12.86 35.89
CA ILE B 117 -8.87 14.09 35.12
C ILE B 117 -10.24 14.21 34.47
N VAL B 118 -10.97 13.11 34.30
CA VAL B 118 -12.21 13.16 33.48
C VAL B 118 -13.31 14.01 34.10
N GLY B 119 -13.58 13.82 35.39
CA GLY B 119 -14.58 14.62 36.09
C GLY B 119 -14.25 16.11 36.04
N PRO B 120 -13.00 16.48 36.40
CA PRO B 120 -12.55 17.86 36.26
C PRO B 120 -12.72 18.40 34.84
N LEU B 121 -12.49 17.57 33.81
CA LEU B 121 -12.74 18.01 32.44
CA LEU B 121 -12.74 17.97 32.41
C LEU B 121 -14.23 18.21 32.16
N ARG B 122 -15.08 17.34 32.70
CA ARG B 122 -16.54 17.53 32.58
C ARG B 122 -16.96 18.87 33.20
N GLN B 123 -16.47 19.19 34.39
CA GLN B 123 -16.83 20.45 35.05
C GLN B 123 -16.34 21.67 34.24
N THR B 124 -15.14 21.55 33.67
CA THR B 124 -14.55 22.60 32.85
C THR B 124 -15.40 22.80 31.58
N LEU B 125 -15.77 21.70 30.92
CA LEU B 125 -16.66 21.74 29.75
C LEU B 125 -18.00 22.40 30.08
N LYS B 126 -18.61 22.04 31.20
CA LYS B 126 -19.90 22.60 31.58
C LYS B 126 -19.78 24.12 31.83
N ALA B 127 -18.69 24.54 32.48
CA ALA B 127 -18.45 25.97 32.74
C ALA B 127 -18.23 26.77 31.44
N ARG B 128 -17.58 26.15 30.47
CA ARG B 128 -17.23 26.83 29.22
C ARG B 128 -18.30 26.76 28.13
N MET B 129 -19.06 25.67 28.08
CA MET B 129 -20.02 25.42 26.99
CA MET B 129 -20.00 25.46 26.97
C MET B 129 -21.42 25.98 27.25
N GLY B 130 -21.71 26.26 28.52
CA GLY B 130 -23.01 26.82 28.89
C GLY B 130 -24.19 25.99 28.42
N ASN B 131 -25.14 26.64 27.74
CA ASN B 131 -26.36 25.97 27.28
C ASN B 131 -26.12 24.93 26.19
N TYR B 132 -24.89 24.85 25.68
CA TYR B 132 -24.56 23.93 24.60
C TYR B 132 -23.67 22.78 25.07
N PHE B 133 -23.50 22.67 26.39
CA PHE B 133 -22.92 21.49 26.99
C PHE B 133 -23.71 20.25 26.55
N ASP B 134 -22.98 19.17 26.29
CA ASP B 134 -23.53 17.95 25.73
C ASP B 134 -22.78 16.81 26.44
N GLU B 135 -23.52 15.86 27.03
CA GLU B 135 -22.88 14.71 27.69
C GLU B 135 -22.07 13.86 26.71
N ASP B 136 -22.48 13.82 25.44
CA ASP B 136 -21.72 13.12 24.40
C ASP B 136 -20.31 13.67 24.25
N THR B 137 -20.12 14.97 24.50
CA THR B 137 -18.80 15.59 24.45
CA THR B 137 -18.78 15.56 24.44
C THR B 137 -17.91 15.06 25.58
N VAL B 138 -18.51 14.86 26.75
CA VAL B 138 -17.78 14.28 27.90
C VAL B 138 -17.34 12.85 27.54
N ALA B 139 -18.24 12.07 26.97
CA ALA B 139 -17.92 10.70 26.53
C ALA B 139 -16.78 10.70 25.52
N ALA B 140 -16.74 11.70 24.63
CA ALA B 140 -15.69 11.80 23.62
C ALA B 140 -14.33 12.03 24.27
N TRP B 141 -14.29 12.95 25.24
CA TRP B 141 -13.05 13.23 25.97
C TRP B 141 -12.62 12.04 26.82
N ALA B 142 -13.59 11.35 27.43
CA ALA B 142 -13.25 10.13 28.19
C ALA B 142 -12.61 9.07 27.27
N SER B 143 -13.07 8.97 26.02
CA SER B 143 -12.50 8.03 25.05
CA SER B 143 -12.50 8.02 25.08
C SER B 143 -11.06 8.39 24.71
N LEU B 144 -10.79 9.66 24.49
CA LEU B 144 -9.43 10.11 24.20
C LEU B 144 -8.51 9.85 25.40
N VAL B 145 -8.98 10.21 26.61
CA VAL B 145 -8.22 9.93 27.83
C VAL B 145 -7.92 8.43 27.98
N ALA B 146 -8.86 7.57 27.59
CA ALA B 146 -8.64 6.12 27.64
C ALA B 146 -7.49 5.63 26.72
N VAL B 147 -7.25 6.33 25.60
CA VAL B 147 -6.09 6.02 24.74
C VAL B 147 -4.81 6.24 25.56
N VAL B 148 -4.74 7.37 26.26
CA VAL B 148 -3.60 7.69 27.13
C VAL B 148 -3.48 6.68 28.27
N GLN B 149 -4.59 6.35 28.92
CA GLN B 149 -4.59 5.37 30.02
C GLN B 149 -4.02 4.02 29.59
N ALA B 150 -4.31 3.60 28.36
CA ALA B 150 -3.78 2.35 27.82
C ALA B 150 -2.26 2.37 27.67
N ALA B 151 -1.67 3.56 27.60
CA ALA B 151 -0.22 3.73 27.49
C ALA B 151 0.49 3.76 28.85
N LEU B 152 -0.27 3.82 29.93
CA LEU B 152 0.30 3.96 31.29
C LEU B 152 0.45 2.61 31.99
N VAL C 2 -21.44 50.28 -0.48
CA VAL C 2 -20.27 49.42 -0.08
C VAL C 2 -19.31 50.20 0.83
N ASP C 3 -18.96 51.44 0.46
CA ASP C 3 -18.01 52.21 1.27
C ASP C 3 -18.54 52.45 2.69
N ALA C 4 -19.80 52.87 2.80
CA ALA C 4 -20.42 53.07 4.12
C ALA C 4 -20.42 51.78 4.95
N ALA C 5 -20.70 50.65 4.31
CA ALA C 5 -20.73 49.36 5.01
C ALA C 5 -19.34 48.94 5.49
N VAL C 6 -18.34 49.11 4.63
CA VAL C 6 -16.93 48.87 5.02
C VAL C 6 -16.52 49.76 6.18
N ALA C 7 -16.91 51.05 6.12
CA ALA C 7 -16.56 52.02 7.15
C ALA C 7 -17.12 51.63 8.52
N LYS C 8 -18.35 51.09 8.53
CA LYS C 8 -18.98 50.66 9.80
C LYS C 8 -18.18 49.52 10.45
N VAL C 9 -17.83 48.52 9.65
CA VAL C 9 -17.06 47.36 10.15
C VAL C 9 -15.67 47.80 10.61
N CYS C 10 -14.93 48.50 9.74
CA CYS C 10 -13.54 48.82 10.03
C CYS C 10 -13.39 49.96 11.04
N GLY C 11 -14.45 50.74 11.23
CA GLY C 11 -14.49 51.82 12.20
C GLY C 11 -14.72 51.40 13.63
N SER C 12 -15.12 50.15 13.85
CA SER C 12 -15.33 49.64 15.21
C SER C 12 -14.29 48.59 15.59
N GLU C 13 -13.45 48.92 16.55
CA GLU C 13 -12.48 47.94 17.05
C GLU C 13 -13.20 46.72 17.67
N ALA C 14 -14.40 46.94 18.22
CA ALA C 14 -15.18 45.84 18.80
C ALA C 14 -15.71 44.87 17.73
N ILE C 15 -16.26 45.40 16.63
CA ILE C 15 -16.68 44.53 15.53
C ILE C 15 -15.50 43.70 15.02
N LYS C 16 -14.37 44.34 14.75
CA LYS C 16 -13.20 43.63 14.24
C LYS C 16 -12.70 42.58 15.24
N ALA C 17 -12.64 42.92 16.53
CA ALA C 17 -12.21 41.96 17.55
C ALA C 17 -13.14 40.77 17.64
N ASN C 18 -14.44 41.02 17.61
CA ASN C 18 -15.41 39.92 17.68
C ASN C 18 -15.37 39.01 16.44
N LEU C 19 -15.16 39.58 15.26
CA LEU C 19 -14.98 38.79 14.04
C LEU C 19 -13.72 37.90 14.15
N ARG C 20 -12.61 38.48 14.59
CA ARG C 20 -11.36 37.74 14.71
C ARG C 20 -11.45 36.61 15.77
N ARG C 21 -12.02 36.92 16.94
CA ARG C 21 -12.08 35.94 18.05
C ARG C 21 -13.04 34.79 17.67
N SER C 22 -14.20 35.12 17.10
CA SER C 22 -15.15 34.08 16.69
C SER C 22 -14.61 33.24 15.53
N TRP C 23 -13.93 33.87 14.57
CA TRP C 23 -13.28 33.15 13.47
CA TRP C 23 -13.34 33.10 13.48
C TRP C 23 -12.24 32.17 14.00
N GLY C 24 -11.50 32.58 15.02
CA GLY C 24 -10.51 31.70 15.66
C GLY C 24 -11.17 30.44 16.18
N VAL C 25 -12.33 30.57 16.83
CA VAL C 25 -13.10 29.40 17.29
C VAL C 25 -13.56 28.53 16.12
N LEU C 26 -14.19 29.15 15.12
CA LEU C 26 -14.67 28.42 13.94
C LEU C 26 -13.53 27.69 13.23
N SER C 27 -12.33 28.26 13.28
CA SER C 27 -11.18 27.68 12.57
CA SER C 27 -11.16 27.70 12.60
C SER C 27 -10.62 26.43 13.24
N ALA C 28 -11.16 26.06 14.40
CA ALA C 28 -10.77 24.80 15.03
C ALA C 28 -11.25 23.62 14.19
N ASP C 29 -12.28 23.82 13.36
CA ASP C 29 -12.76 22.79 12.47
C ASP C 29 -13.49 23.45 11.30
N ILE C 30 -12.70 23.90 10.33
CA ILE C 30 -13.18 24.60 9.13
C ILE C 30 -14.28 23.82 8.41
N GLU C 31 -14.04 22.54 8.21
CA GLU C 31 -14.97 21.70 7.48
C GLU C 31 -16.30 21.52 8.21
N ALA C 32 -16.25 21.18 9.50
CA ALA C 32 -17.47 21.11 10.31
C ALA C 32 -18.23 22.45 10.36
N THR C 33 -17.49 23.55 10.46
CA THR C 33 -18.12 24.90 10.44
C THR C 33 -18.90 25.14 9.15
N GLY C 34 -18.25 24.91 8.00
CA GLY C 34 -18.90 25.10 6.70
C GLY C 34 -20.15 24.24 6.54
N LEU C 35 -20.03 22.96 6.92
CA LEU C 35 -21.18 22.04 6.84
C LEU C 35 -22.32 22.48 7.77
N MET C 36 -21.98 22.91 8.99
CA MET C 36 -22.99 23.35 9.95
C MET C 36 -23.71 24.60 9.45
N LEU C 37 -22.95 25.55 8.90
CA LEU C 37 -23.54 26.77 8.36
C LEU C 37 -24.51 26.47 7.21
N MET C 38 -24.11 25.60 6.28
CA MET C 38 -25.00 25.20 5.17
C MET C 38 -26.24 24.46 5.66
N SER C 39 -26.07 23.59 6.67
CA SER C 39 -27.22 22.89 7.23
C SER C 39 -28.21 23.89 7.84
N ASN C 40 -27.68 24.85 8.59
CA ASN C 40 -28.54 25.90 9.15
C ASN C 40 -29.21 26.76 8.09
N LEU C 41 -28.51 27.05 7.00
CA LEU C 41 -29.12 27.79 5.89
C LEU C 41 -30.33 27.04 5.34
N PHE C 42 -30.16 25.75 5.05
CA PHE C 42 -31.23 25.00 4.41
C PHE C 42 -32.37 24.61 5.35
N THR C 43 -32.09 24.59 6.66
CA THR C 43 -33.12 24.30 7.67
C THR C 43 -33.95 25.57 7.96
N LEU C 44 -33.27 26.69 8.20
CA LEU C 44 -33.96 27.95 8.49
CA LEU C 44 -33.93 27.96 8.49
C LEU C 44 -34.54 28.61 7.25
N ARG C 45 -33.91 28.36 6.10
CA ARG C 45 -34.28 29.01 4.83
C ARG C 45 -34.29 28.00 3.68
N PRO C 46 -35.21 27.02 3.74
CA PRO C 46 -35.29 26.04 2.64
C PRO C 46 -35.65 26.66 1.29
N ASP C 47 -36.20 27.88 1.30
CA ASP C 47 -36.47 28.61 0.06
C ASP C 47 -35.20 28.82 -0.80
N THR C 48 -34.05 28.94 -0.13
CA THR C 48 -32.77 29.17 -0.84
C THR C 48 -32.22 27.93 -1.57
N LYS C 49 -32.80 26.75 -1.32
CA LYS C 49 -32.38 25.52 -2.00
C LYS C 49 -32.41 25.65 -3.52
N THR C 50 -33.30 26.50 -4.04
CA THR C 50 -33.45 26.64 -5.49
C THR C 50 -32.24 27.30 -6.18
N TYR C 51 -31.39 27.97 -5.42
CA TYR C 51 -30.14 28.50 -5.95
C TYR C 51 -29.06 27.43 -6.12
N PHE C 52 -29.27 26.26 -5.50
CA PHE C 52 -28.21 25.25 -5.36
C PHE C 52 -28.52 23.93 -6.10
N THR C 53 -29.29 24.01 -7.19
CA THR C 53 -29.70 22.83 -7.97
C THR C 53 -28.52 21.90 -8.31
N ARG C 54 -27.38 22.49 -8.69
CA ARG C 54 -26.20 21.71 -9.10
C ARG C 54 -25.69 20.77 -8.01
N LEU C 55 -25.92 21.15 -6.75
CA LEU C 55 -25.39 20.39 -5.60
C LEU C 55 -26.18 19.12 -5.28
N GLY C 56 -27.37 18.97 -5.88
CA GLY C 56 -28.19 17.78 -5.65
C GLY C 56 -28.84 17.75 -4.27
N ASP C 57 -28.83 16.59 -3.63
CA ASP C 57 -29.57 16.40 -2.38
C ASP C 57 -28.79 16.96 -1.21
N VAL C 58 -29.04 18.23 -0.89
CA VAL C 58 -28.28 18.92 0.16
C VAL C 58 -28.56 18.39 1.58
N GLN C 59 -29.70 17.71 1.77
CA GLN C 59 -30.03 17.11 3.08
C GLN C 59 -28.99 16.07 3.51
N LYS C 60 -28.28 15.49 2.54
CA LYS C 60 -27.28 14.46 2.80
C LYS C 60 -25.99 14.95 3.49
N GLY C 61 -25.78 16.26 3.53
CA GLY C 61 -24.63 16.82 4.26
C GLY C 61 -23.29 16.36 3.71
N LYS C 62 -22.38 15.97 4.60
CA LYS C 62 -21.00 15.59 4.24
C LYS C 62 -20.91 14.45 3.22
N ALA C 63 -21.91 13.56 3.22
CA ALA C 63 -21.96 12.43 2.31
C ALA C 63 -22.17 12.85 0.84
N ASN C 64 -22.66 14.07 0.64
CA ASN C 64 -22.85 14.66 -0.69
C ASN C 64 -21.56 15.40 -1.03
N SER C 65 -20.74 14.84 -1.93
CA SER C 65 -19.40 15.42 -2.18
C SER C 65 -19.45 16.85 -2.77
N LYS C 66 -20.44 17.11 -3.61
CA LYS C 66 -20.61 18.47 -4.16
C LYS C 66 -20.96 19.49 -3.06
N LEU C 67 -21.89 19.12 -2.17
CA LEU C 67 -22.21 19.99 -1.04
CA LEU C 67 -22.22 19.97 -1.02
C LEU C 67 -20.98 20.17 -0.14
N ARG C 68 -20.27 19.08 0.13
CA ARG C 68 -19.06 19.16 0.96
C ARG C 68 -18.02 20.11 0.36
N GLY C 69 -17.79 20.02 -0.95
CA GLY C 69 -16.85 20.90 -1.64
C GLY C 69 -17.24 22.37 -1.52
N HIS C 70 -18.53 22.64 -1.66
CA HIS C 70 -19.04 24.00 -1.51
C HIS C 70 -18.89 24.50 -0.07
N ALA C 71 -19.28 23.65 0.89
CA ALA C 71 -19.23 24.05 2.31
C ALA C 71 -17.79 24.40 2.77
N ILE C 72 -16.82 23.59 2.37
CA ILE C 72 -15.42 23.87 2.68
C ILE C 72 -14.94 25.15 2.00
N THR C 73 -15.24 25.27 0.71
CA THR C 73 -14.78 26.39 -0.09
C THR C 73 -15.35 27.73 0.42
N LEU C 74 -16.59 27.72 0.86
CA LEU C 74 -17.22 28.92 1.42
C LEU C 74 -16.37 29.53 2.56
N THR C 75 -15.80 28.67 3.41
CA THR C 75 -15.07 29.15 4.58
C THR C 75 -13.80 29.94 4.20
N TYR C 76 -13.24 29.66 3.03
CA TYR C 76 -12.02 30.36 2.59
C TYR C 76 -12.30 31.79 2.11
N ALA C 77 -13.55 32.06 1.73
CA ALA C 77 -13.97 33.45 1.52
C ALA C 77 -14.07 34.17 2.88
N LEU C 78 -14.66 33.51 3.88
CA LEU C 78 -14.70 34.10 5.24
C LEU C 78 -13.29 34.37 5.80
N ASN C 79 -12.38 33.43 5.61
CA ASN C 79 -10.98 33.57 6.02
C ASN C 79 -10.36 34.83 5.39
N ASN C 80 -10.57 35.00 4.09
CA ASN C 80 -10.10 36.18 3.35
C ASN C 80 -10.73 37.47 3.93
N PHE C 81 -12.05 37.49 4.14
CA PHE C 81 -12.73 38.67 4.72
C PHE C 81 -12.10 39.04 6.07
N VAL C 82 -11.92 38.04 6.95
CA VAL C 82 -11.37 38.31 8.29
C VAL C 82 -9.94 38.85 8.19
N ASP C 83 -9.14 38.28 7.29
CA ASP C 83 -7.77 38.74 7.04
C ASP C 83 -7.70 40.14 6.38
N SER C 84 -8.85 40.66 5.96
CA SER C 84 -8.93 41.95 5.28
C SER C 84 -9.29 43.13 6.19
N LEU C 85 -9.57 42.84 7.46
CA LEU C 85 -10.19 43.82 8.37
C LEU C 85 -9.31 45.01 8.73
N ASP C 86 -7.98 44.86 8.68
CA ASP C 86 -7.08 45.97 9.03
C ASP C 86 -6.88 47.00 7.91
N ASP C 87 -7.45 46.73 6.74
CA ASP C 87 -7.26 47.60 5.58
C ASP C 87 -8.60 47.74 4.84
N PRO C 88 -9.35 48.84 5.11
CA PRO C 88 -10.63 49.06 4.45
C PRO C 88 -10.58 48.85 2.93
N SER C 89 -9.50 49.32 2.28
CA SER C 89 -9.39 49.20 0.83
C SER C 89 -9.26 47.73 0.41
N ARG C 90 -8.62 46.93 1.27
CA ARG C 90 -8.56 45.49 0.97
C ARG C 90 -9.93 44.82 1.14
N LEU C 91 -10.63 45.12 2.24
CA LEU C 91 -11.95 44.53 2.43
C LEU C 91 -12.86 44.88 1.23
N LYS C 92 -12.81 46.15 0.79
CA LYS C 92 -13.62 46.56 -0.33
C LYS C 92 -13.31 45.75 -1.58
N CYS C 93 -12.03 45.64 -1.95
CA CYS C 93 -11.72 45.00 -3.24
C CYS C 93 -11.97 43.49 -3.20
N VAL C 94 -11.80 42.88 -2.03
CA VAL C 94 -12.07 41.45 -1.88
C VAL C 94 -13.58 41.16 -1.92
N VAL C 95 -14.39 42.01 -1.29
CA VAL C 95 -15.85 41.82 -1.33
C VAL C 95 -16.40 42.09 -2.75
N GLU C 96 -15.90 43.14 -3.41
CA GLU C 96 -16.34 43.40 -4.78
C GLU C 96 -15.98 42.25 -5.73
N LYS C 97 -14.80 41.65 -5.54
CA LYS C 97 -14.39 40.47 -6.31
C LYS C 97 -15.35 39.30 -6.05
N PHE C 98 -15.58 39.02 -4.76
CA PHE C 98 -16.50 37.98 -4.30
C PHE C 98 -17.91 38.11 -4.89
N ALA C 99 -18.37 39.35 -5.00
CA ALA C 99 -19.73 39.65 -5.44
C ALA C 99 -19.98 39.29 -6.90
N VAL C 100 -18.93 39.30 -7.74
CA VAL C 100 -19.12 39.16 -9.20
C VAL C 100 -19.93 37.90 -9.54
N ASN C 101 -19.50 36.73 -9.06
CA ASN C 101 -20.23 35.50 -9.36
C ASN C 101 -21.62 35.45 -8.74
N HIS C 102 -21.78 36.04 -7.55
CA HIS C 102 -23.08 36.07 -6.89
C HIS C 102 -24.09 36.96 -7.65
N ILE C 103 -23.62 38.07 -8.20
CA ILE C 103 -24.44 38.91 -9.09
C ILE C 103 -24.83 38.12 -10.33
N ASN C 104 -23.88 37.37 -10.90
CA ASN C 104 -24.17 36.57 -12.09
C ASN C 104 -25.23 35.48 -11.81
N ARG C 105 -25.33 35.04 -10.55
CA ARG C 105 -26.37 34.10 -10.13
C ARG C 105 -27.68 34.76 -9.74
N LYS C 106 -27.77 36.07 -9.95
CA LYS C 106 -28.99 36.82 -9.64
C LYS C 106 -29.36 36.70 -8.15
N ILE C 107 -28.35 36.79 -7.29
CA ILE C 107 -28.55 36.75 -5.84
C ILE C 107 -28.55 38.19 -5.34
N SER C 108 -29.72 38.66 -4.91
CA SER C 108 -29.87 40.04 -4.45
C SER C 108 -29.24 40.20 -3.07
N GLY C 109 -29.08 41.44 -2.62
CA GLY C 109 -28.63 41.70 -1.25
C GLY C 109 -29.56 41.08 -0.22
N ASP C 110 -30.86 41.20 -0.44
CA ASP C 110 -31.83 40.59 0.47
C ASP C 110 -31.70 39.07 0.52
N ALA C 111 -31.51 38.44 -0.64
CA ALA C 111 -31.33 36.97 -0.70
C ALA C 111 -30.06 36.54 0.04
N PHE C 112 -28.97 37.27 -0.18
CA PHE C 112 -27.70 36.93 0.47
C PHE C 112 -27.82 37.02 1.99
N GLY C 113 -28.58 38.01 2.47
CA GLY C 113 -28.84 38.18 3.89
C GLY C 113 -29.58 37.02 4.56
N ALA C 114 -30.08 36.07 3.76
CA ALA C 114 -30.64 34.82 4.29
C ALA C 114 -29.64 34.10 5.20
N ILE C 115 -28.34 34.35 5.01
CA ILE C 115 -27.29 33.69 5.79
C ILE C 115 -27.16 34.21 7.22
N VAL C 116 -27.71 35.39 7.53
CA VAL C 116 -27.45 36.05 8.83
C VAL C 116 -27.92 35.21 10.02
N GLU C 117 -29.19 34.80 9.99
CA GLU C 117 -29.74 34.03 11.09
CA GLU C 117 -29.77 33.99 11.07
C GLU C 117 -29.09 32.63 11.19
N PRO C 118 -28.84 31.94 10.04
CA PRO C 118 -28.04 30.71 10.07
C PRO C 118 -26.65 30.90 10.71
N MET C 119 -25.97 32.01 10.40
CA MET C 119 -24.68 32.31 11.03
C MET C 119 -24.81 32.53 12.55
N LYS C 120 -25.84 33.25 13.00
CA LYS C 120 -26.08 33.46 14.43
C LYS C 120 -26.23 32.12 15.15
N GLU C 121 -27.02 31.21 14.56
CA GLU C 121 -27.25 29.88 15.14
C GLU C 121 -25.95 29.07 15.20
N THR C 122 -25.12 29.18 14.16
CA THR C 122 -23.84 28.49 14.09
C THR C 122 -22.87 29.00 15.17
N LEU C 123 -22.84 30.33 15.36
CA LEU C 123 -22.00 30.94 16.39
C LEU C 123 -22.41 30.49 17.79
N LYS C 124 -23.71 30.48 18.06
CA LYS C 124 -24.22 29.99 19.37
C LYS C 124 -23.79 28.55 19.60
N ALA C 125 -23.91 27.74 18.55
CA ALA C 125 -23.64 26.30 18.63
C ALA C 125 -22.16 25.97 18.82
N ARG C 126 -21.26 26.86 18.40
CA ARG C 126 -19.83 26.57 18.40
C ARG C 126 -18.99 27.39 19.39
N MET C 127 -19.54 28.45 19.96
CA MET C 127 -18.75 29.33 20.83
C MET C 127 -18.97 29.17 22.34
N GLY C 128 -19.94 28.35 22.75
CA GLY C 128 -20.22 28.19 24.19
C GLY C 128 -20.48 29.55 24.84
N ASN C 129 -19.98 29.74 26.05
CA ASN C 129 -20.21 30.98 26.78
C ASN C 129 -19.47 32.23 26.25
N TYR C 130 -18.63 32.06 25.23
CA TYR C 130 -18.01 33.20 24.54
C TYR C 130 -18.96 33.87 23.54
N TYR C 131 -20.10 33.23 23.24
CA TYR C 131 -21.11 33.86 22.39
C TYR C 131 -21.71 35.08 23.10
N SER C 132 -21.95 36.16 22.35
CA SER C 132 -22.84 37.22 22.80
C SER C 132 -23.54 37.82 21.60
N ASP C 133 -24.59 38.59 21.86
CA ASP C 133 -25.26 39.26 20.75
C ASP C 133 -24.34 40.25 19.99
N ASP C 134 -23.31 40.80 20.66
CA ASP C 134 -22.34 41.65 19.96
C ASP C 134 -21.58 40.86 18.88
N VAL C 135 -21.34 39.57 19.13
CA VAL C 135 -20.68 38.74 18.12
C VAL C 135 -21.59 38.54 16.90
N ALA C 136 -22.87 38.23 17.14
CA ALA C 136 -23.85 38.14 16.05
C ALA C 136 -23.94 39.46 15.27
N GLY C 137 -23.90 40.58 16.00
CA GLY C 137 -23.97 41.90 15.38
C GLY C 137 -22.79 42.18 14.46
N ALA C 138 -21.60 41.74 14.87
CA ALA C 138 -20.38 41.89 14.07
C ALA C 138 -20.52 41.15 12.74
N TRP C 139 -21.00 39.91 12.80
CA TRP C 139 -21.22 39.11 11.59
C TRP C 139 -22.32 39.70 10.67
N ALA C 140 -23.37 40.26 11.27
CA ALA C 140 -24.42 40.93 10.48
C ALA C 140 -23.83 42.12 9.74
N ALA C 141 -22.93 42.85 10.42
CA ALA C 141 -22.29 44.02 9.80
C ALA C 141 -21.38 43.61 8.63
N LEU C 142 -20.63 42.52 8.80
CA LEU C 142 -19.77 42.04 7.72
C LEU C 142 -20.59 41.56 6.53
N VAL C 143 -21.63 40.76 6.78
CA VAL C 143 -22.52 40.31 5.70
C VAL C 143 -23.14 41.53 4.99
N GLY C 144 -23.43 42.57 5.77
CA GLY C 144 -23.93 43.83 5.20
C GLY C 144 -23.04 44.44 4.13
N VAL C 145 -21.73 44.23 4.22
CA VAL C 145 -20.81 44.71 3.17
C VAL C 145 -21.09 43.98 1.87
N VAL C 146 -21.20 42.66 1.92
CA VAL C 146 -21.57 41.89 0.72
C VAL C 146 -22.94 42.33 0.18
N GLN C 147 -23.93 42.48 1.06
CA GLN C 147 -25.28 42.88 0.63
C GLN C 147 -25.23 44.18 -0.16
N ALA C 148 -24.42 45.13 0.31
CA ALA C 148 -24.31 46.44 -0.34
C ALA C 148 -23.65 46.34 -1.74
N ALA C 149 -22.82 45.32 -1.94
CA ALA C 149 -22.10 45.10 -3.20
C ALA C 149 -22.92 44.33 -4.25
N LEU C 150 -24.06 43.77 -3.82
CA LEU C 150 -24.90 42.95 -4.70
C LEU C 150 -25.99 43.76 -5.39
N SER D 2 -12.40 10.36 -16.60
CA SER D 2 -11.76 11.36 -15.70
C SER D 2 -10.54 10.81 -14.99
N ARG D 3 -9.44 11.58 -15.00
CA ARG D 3 -8.21 11.19 -14.31
C ARG D 3 -8.04 11.82 -12.92
N VAL D 4 -9.04 12.59 -12.48
CA VAL D 4 -8.92 13.33 -11.21
C VAL D 4 -8.66 12.42 -10.03
N ALA D 5 -9.45 11.34 -9.90
CA ALA D 5 -9.33 10.47 -8.75
C ALA D 5 -7.96 9.79 -8.66
N GLU D 6 -7.46 9.28 -9.79
CA GLU D 6 -6.16 8.58 -9.78
C GLU D 6 -5.00 9.53 -9.44
N LEU D 7 -5.05 10.75 -9.99
CA LEU D 7 -3.99 11.74 -9.71
C LEU D 7 -4.05 12.22 -8.27
N ALA D 8 -5.28 12.44 -7.77
CA ALA D 8 -5.47 12.81 -6.37
C ALA D 8 -4.98 11.72 -5.40
N ASN D 9 -5.26 10.44 -5.70
CA ASN D 9 -4.75 9.33 -4.89
C ASN D 9 -3.24 9.46 -4.68
N ALA D 10 -2.51 9.69 -5.78
CA ALA D 10 -1.05 9.75 -5.75
C ALA D 10 -0.51 11.00 -5.03
N VAL D 11 -1.18 12.14 -5.19
CA VAL D 11 -0.80 13.33 -4.41
C VAL D 11 -0.94 13.08 -2.92
N VAL D 12 -2.06 12.48 -2.51
CA VAL D 12 -2.31 12.24 -1.09
C VAL D 12 -1.32 11.22 -0.47
N SER D 13 -0.88 10.26 -1.27
CA SER D 13 0.02 9.21 -0.76
C SER D 13 1.50 9.60 -0.82
N ASN D 14 1.83 10.69 -1.52
CA ASN D 14 3.23 11.12 -1.66
C ASN D 14 3.66 12.08 -0.53
N ALA D 15 4.16 11.54 0.56
CA ALA D 15 4.46 12.35 1.75
C ALA D 15 5.55 13.40 1.51
N ASP D 16 6.61 13.02 0.81
CA ASP D 16 7.71 13.96 0.53
C ASP D 16 7.24 15.11 -0.36
N GLN D 17 6.40 14.80 -1.33
CA GLN D 17 5.84 15.85 -2.18
C GLN D 17 4.89 16.76 -1.40
N LYS D 18 4.05 16.19 -0.54
CA LYS D 18 3.20 17.01 0.34
C LYS D 18 4.05 17.93 1.22
N ASP D 19 5.14 17.40 1.76
CA ASP D 19 6.05 18.22 2.57
C ASP D 19 6.63 19.41 1.76
N LEU D 20 6.98 19.16 0.49
CA LEU D 20 7.48 20.24 -0.38
C LEU D 20 6.42 21.30 -0.62
N LEU D 21 5.17 20.85 -0.79
CA LEU D 21 4.05 21.77 -0.97
C LEU D 21 3.83 22.62 0.28
N ARG D 22 3.77 22.01 1.47
CA ARG D 22 3.56 22.76 2.71
C ARG D 22 4.73 23.69 3.05
N MET D 23 5.98 23.23 2.83
CA MET D 23 7.16 24.05 3.09
CA MET D 23 7.12 24.08 3.13
C MET D 23 7.15 25.31 2.21
N SER D 24 7.06 25.09 0.89
CA SER D 24 7.03 26.23 -0.04
C SER D 24 5.80 27.10 0.19
N TRP D 25 4.65 26.51 0.51
CA TRP D 25 3.45 27.30 0.87
C TRP D 25 3.69 28.18 2.10
N GLY D 26 4.41 27.65 3.09
CA GLY D 26 4.77 28.47 4.25
C GLY D 26 5.47 29.79 3.88
N VAL D 27 6.29 29.76 2.83
CA VAL D 27 6.98 30.97 2.33
C VAL D 27 6.06 31.80 1.44
N LEU D 28 5.36 31.15 0.50
CA LEU D 28 4.45 31.87 -0.42
C LEU D 28 3.34 32.63 0.30
N SER D 29 2.89 32.12 1.45
CA SER D 29 1.73 32.67 2.17
C SER D 29 2.09 33.70 3.25
N VAL D 30 3.37 34.02 3.39
CA VAL D 30 3.80 35.09 4.32
C VAL D 30 3.08 36.39 3.93
N ASP D 31 3.08 36.68 2.63
CA ASP D 31 2.50 37.90 2.07
C ASP D 31 1.51 37.46 0.98
N MET D 32 0.29 37.15 1.40
CA MET D 32 -0.73 36.62 0.49
C MET D 32 -0.95 37.58 -0.69
N GLU D 33 -1.15 38.86 -0.38
CA GLU D 33 -1.41 39.84 -1.43
C GLU D 33 -0.20 40.03 -2.36
N GLY D 34 0.97 40.24 -1.78
CA GLY D 34 2.19 40.45 -2.56
C GLY D 34 2.53 39.29 -3.46
N THR D 35 2.43 38.08 -2.92
CA THR D 35 2.72 36.88 -3.70
C THR D 35 1.67 36.62 -4.79
N GLY D 36 0.38 36.82 -4.46
CA GLY D 36 -0.68 36.66 -5.47
C GLY D 36 -0.48 37.62 -6.63
N LEU D 37 -0.14 38.87 -6.34
CA LEU D 37 0.13 39.86 -7.39
C LEU D 37 1.34 39.48 -8.24
N MET D 38 2.39 38.96 -7.59
CA MET D 38 3.60 38.52 -8.29
CA MET D 38 3.58 38.53 -8.30
C MET D 38 3.29 37.37 -9.25
N LEU D 39 2.49 36.41 -8.78
CA LEU D 39 2.11 35.27 -9.61
C LEU D 39 1.33 35.72 -10.85
N MET D 40 0.36 36.61 -10.64
CA MET D 40 -0.43 37.15 -11.75
C MET D 40 0.44 37.93 -12.74
N ALA D 41 1.36 38.75 -12.21
CA ALA D 41 2.27 39.49 -13.09
C ALA D 41 3.10 38.53 -13.95
N ASN D 42 3.60 37.45 -13.33
CA ASN D 42 4.34 36.47 -14.11
C ASN D 42 3.48 35.76 -15.16
N LEU D 43 2.22 35.43 -14.81
CA LEU D 43 1.29 34.87 -15.80
C LEU D 43 1.14 35.78 -17.02
N PHE D 44 0.93 37.08 -16.80
CA PHE D 44 0.75 38.01 -17.92
C PHE D 44 2.05 38.20 -18.73
N LYS D 45 3.20 38.00 -18.09
CA LYS D 45 4.50 38.12 -18.74
C LYS D 45 4.73 36.98 -19.73
N THR D 46 4.49 35.73 -19.30
CA THR D 46 4.83 34.58 -20.13
C THR D 46 3.66 34.02 -20.95
N SER D 47 2.43 34.36 -20.54
CA SER D 47 1.24 34.08 -21.33
C SER D 47 0.41 35.36 -21.52
N PRO D 48 0.89 36.29 -22.37
CA PRO D 48 0.10 37.51 -22.57
C PRO D 48 -1.33 37.28 -23.06
N SER D 49 -1.58 36.15 -23.71
CA SER D 49 -2.95 35.73 -24.07
C SER D 49 -3.91 35.69 -22.88
N ALA D 50 -3.38 35.49 -21.67
CA ALA D 50 -4.20 35.50 -20.46
C ALA D 50 -4.90 36.85 -20.22
N LYS D 51 -4.37 37.92 -20.81
CA LYS D 51 -4.98 39.24 -20.66
C LYS D 51 -6.41 39.25 -21.17
N GLY D 52 -6.66 38.55 -22.27
CA GLY D 52 -8.03 38.46 -22.84
C GLY D 52 -9.04 37.82 -21.90
N LYS D 53 -8.64 36.73 -21.23
CA LYS D 53 -9.53 36.07 -20.26
C LYS D 53 -9.77 36.97 -19.03
N PHE D 54 -8.80 37.82 -18.73
CA PHE D 54 -8.84 38.71 -17.55
C PHE D 54 -9.20 40.17 -17.87
N ALA D 55 -9.84 40.39 -19.02
CA ALA D 55 -10.14 41.75 -19.48
C ALA D 55 -10.97 42.58 -18.48
N ARG D 56 -11.83 41.90 -17.72
CA ARG D 56 -12.67 42.58 -16.71
C ARG D 56 -11.83 43.33 -15.68
N LEU D 57 -10.61 42.87 -15.43
CA LEU D 57 -9.74 43.49 -14.43
C LEU D 57 -9.19 44.86 -14.82
N GLY D 58 -9.27 45.21 -16.10
CA GLY D 58 -8.75 46.51 -16.56
C GLY D 58 -7.24 46.46 -16.76
N ASP D 59 -6.57 47.55 -16.38
CA ASP D 59 -5.16 47.71 -16.68
C ASP D 59 -4.29 46.94 -15.69
N VAL D 60 -3.95 45.72 -16.07
CA VAL D 60 -3.21 44.84 -15.16
C VAL D 60 -1.77 45.28 -14.91
N SER D 61 -1.25 46.19 -15.74
CA SER D 61 0.10 46.73 -15.51
C SER D 61 0.21 47.56 -14.23
N ALA D 62 -0.94 47.97 -13.68
CA ALA D 62 -0.95 48.85 -12.50
C ALA D 62 -0.75 48.11 -11.16
N GLY D 63 -0.70 46.78 -11.20
CA GLY D 63 -0.44 46.02 -9.98
C GLY D 63 -1.42 46.31 -8.86
N LYS D 64 -0.90 46.52 -7.65
CA LYS D 64 -1.72 46.79 -6.46
C LYS D 64 -2.59 48.04 -6.57
N ASP D 65 -2.24 48.93 -7.51
CA ASP D 65 -2.99 50.18 -7.73
C ASP D 65 -4.27 49.96 -8.53
N ASN D 66 -4.44 48.72 -9.02
CA ASN D 66 -5.65 48.30 -9.71
C ASN D 66 -6.45 47.44 -8.75
N SER D 67 -7.54 47.98 -8.21
CA SER D 67 -8.29 47.32 -7.15
C SER D 67 -8.91 45.97 -7.58
N LYS D 68 -9.31 45.87 -8.85
CA LYS D 68 -9.87 44.61 -9.35
C LYS D 68 -8.81 43.52 -9.45
N LEU D 69 -7.64 43.87 -9.98
CA LEU D 69 -6.52 42.93 -10.03
C LEU D 69 -6.09 42.53 -8.61
N ARG D 70 -6.03 43.52 -7.72
CA ARG D 70 -5.68 43.28 -6.31
C ARG D 70 -6.65 42.27 -5.65
N GLY D 71 -7.95 42.50 -5.81
CA GLY D 71 -8.97 41.61 -5.25
C GLY D 71 -8.88 40.19 -5.80
N HIS D 72 -8.71 40.05 -7.11
CA HIS D 72 -8.51 38.75 -7.71
C HIS D 72 -7.25 38.04 -7.19
N SER D 73 -6.14 38.78 -7.15
CA SER D 73 -4.83 38.20 -6.80
C SER D 73 -4.83 37.69 -5.36
N ILE D 74 -5.44 38.44 -4.45
CA ILE D 74 -5.58 37.97 -3.07
C ILE D 74 -6.46 36.71 -3.01
N THR D 75 -7.58 36.74 -3.72
CA THR D 75 -8.57 35.66 -3.69
C THR D 75 -8.01 34.34 -4.25
N LEU D 76 -7.18 34.43 -5.28
CA LEU D 76 -6.52 33.27 -5.87
CA LEU D 76 -6.56 33.24 -5.85
C LEU D 76 -5.74 32.52 -4.79
N MET D 77 -5.07 33.27 -3.91
CA MET D 77 -4.20 32.66 -2.89
C MET D 77 -5.00 31.86 -1.85
N TYR D 78 -6.25 32.23 -1.62
CA TYR D 78 -7.12 31.46 -0.71
C TYR D 78 -7.64 30.14 -1.32
N ALA D 79 -7.62 30.02 -2.65
CA ALA D 79 -7.89 28.73 -3.30
C ALA D 79 -6.68 27.82 -3.14
N LEU D 80 -5.47 28.38 -3.29
CA LEU D 80 -4.26 27.59 -3.01
C LEU D 80 -4.21 27.14 -1.56
N GLN D 81 -4.61 27.99 -0.62
CA GLN D 81 -4.66 27.59 0.80
C GLN D 81 -5.61 26.40 1.01
N ASN D 82 -6.77 26.47 0.38
CA ASN D 82 -7.80 25.40 0.38
C ASN D 82 -7.19 24.10 -0.12
N PHE D 83 -6.53 24.14 -1.28
CA PHE D 83 -5.87 22.92 -1.80
C PHE D 83 -4.84 22.35 -0.81
N VAL D 84 -3.99 23.22 -0.25
CA VAL D 84 -2.92 22.75 0.66
C VAL D 84 -3.56 22.10 1.89
N ASP D 85 -4.64 22.69 2.41
CA ASP D 85 -5.35 22.14 3.58
C ASP D 85 -6.05 20.79 3.30
N ALA D 86 -6.20 20.43 2.02
CA ALA D 86 -6.88 19.19 1.60
C ALA D 86 -5.94 18.01 1.34
N LEU D 87 -4.63 18.23 1.44
CA LEU D 87 -3.63 17.26 0.94
C LEU D 87 -3.61 15.91 1.64
N ASP D 88 -4.17 15.83 2.85
CA ASP D 88 -4.11 14.57 3.61
C ASP D 88 -5.36 13.68 3.47
N ASP D 89 -6.36 14.11 2.69
CA ASP D 89 -7.65 13.43 2.63
C ASP D 89 -8.11 13.44 1.18
N VAL D 90 -8.09 12.27 0.51
CA VAL D 90 -8.34 12.23 -0.93
C VAL D 90 -9.75 12.69 -1.31
N GLU D 91 -10.76 12.31 -0.51
CA GLU D 91 -12.13 12.76 -0.81
C GLU D 91 -12.24 14.28 -0.65
N ARG D 92 -11.55 14.84 0.35
CA ARG D 92 -11.56 16.30 0.52
C ARG D 92 -10.88 16.98 -0.67
N LEU D 93 -9.69 16.52 -1.07
CA LEU D 93 -8.98 17.12 -2.21
C LEU D 93 -9.82 17.03 -3.49
N LYS D 94 -10.39 15.85 -3.77
CA LYS D 94 -11.22 15.70 -4.96
C LYS D 94 -12.40 16.66 -4.97
N CYS D 95 -13.12 16.77 -3.85
CA CYS D 95 -14.34 17.59 -3.88
C CYS D 95 -14.02 19.08 -4.00
N VAL D 96 -12.91 19.53 -3.40
CA VAL D 96 -12.55 20.95 -3.53
C VAL D 96 -12.00 21.30 -4.92
N VAL D 97 -11.25 20.36 -5.52
CA VAL D 97 -10.77 20.54 -6.90
C VAL D 97 -11.94 20.56 -7.89
N GLU D 98 -12.88 19.62 -7.76
CA GLU D 98 -14.07 19.59 -8.63
C GLU D 98 -14.92 20.84 -8.48
N LYS D 99 -15.09 21.34 -7.25
CA LYS D 99 -15.80 22.61 -7.00
C LYS D 99 -15.11 23.79 -7.72
N PHE D 100 -13.80 23.89 -7.51
CA PHE D 100 -12.96 24.94 -8.10
C PHE D 100 -13.05 24.97 -9.62
N ALA D 101 -13.11 23.78 -10.21
CA ALA D 101 -13.10 23.64 -11.66
C ALA D 101 -14.36 24.17 -12.35
N VAL D 102 -15.50 24.16 -11.64
CA VAL D 102 -16.80 24.54 -12.24
C VAL D 102 -16.73 25.90 -12.98
N ASN D 103 -16.30 26.94 -12.28
CA ASN D 103 -16.24 28.27 -12.91
C ASN D 103 -15.19 28.35 -14.01
N HIS D 104 -14.09 27.63 -13.84
CA HIS D 104 -13.03 27.61 -14.85
C HIS D 104 -13.48 26.92 -16.16
N ILE D 105 -14.21 25.82 -16.03
CA ILE D 105 -14.85 25.16 -17.16
C ILE D 105 -15.81 26.12 -17.87
N ASN D 106 -16.63 26.84 -17.10
CA ASN D 106 -17.61 27.76 -17.70
CA ASN D 106 -17.61 27.78 -17.68
C ASN D 106 -16.95 28.91 -18.47
N ARG D 107 -15.72 29.26 -18.08
CA ARG D 107 -14.89 30.27 -18.76
C ARG D 107 -14.12 29.75 -19.94
N GLN D 108 -14.31 28.47 -20.26
CA GLN D 108 -13.64 27.80 -21.38
C GLN D 108 -12.12 27.76 -21.19
N ILE D 109 -11.67 27.51 -19.96
CA ILE D 109 -10.25 27.34 -19.69
C ILE D 109 -9.91 25.87 -19.73
N SER D 110 -9.14 25.50 -20.75
CA SER D 110 -8.75 24.12 -20.98
C SER D 110 -7.63 23.71 -20.04
N ALA D 111 -7.37 22.40 -19.99
CA ALA D 111 -6.24 21.88 -19.24
C ALA D 111 -4.93 22.54 -19.67
N ASP D 112 -4.71 22.68 -20.98
CA ASP D 112 -3.49 23.31 -21.49
C ASP D 112 -3.35 24.77 -21.05
N GLU D 113 -4.44 25.53 -21.14
CA GLU D 113 -4.38 26.92 -20.71
C GLU D 113 -4.11 27.05 -19.20
N PHE D 114 -4.75 26.21 -18.40
CA PHE D 114 -4.54 26.27 -16.96
C PHE D 114 -3.08 25.96 -16.60
N GLY D 115 -2.46 25.03 -17.33
CA GLY D 115 -1.05 24.68 -17.13
C GLY D 115 -0.06 25.79 -17.37
N GLU D 116 -0.51 26.88 -18.02
CA GLU D 116 0.27 28.10 -18.18
C GLU D 116 0.70 28.71 -16.85
N ILE D 117 0.10 28.28 -15.75
CA ILE D 117 0.44 28.82 -14.43
C ILE D 117 1.75 28.23 -13.85
N VAL D 118 2.25 27.13 -14.41
CA VAL D 118 3.42 26.45 -13.80
C VAL D 118 4.70 27.29 -13.88
N GLY D 119 5.00 27.83 -15.07
CA GLY D 119 6.13 28.76 -15.23
C GLY D 119 6.06 29.92 -14.25
N PRO D 120 4.91 30.60 -14.19
CA PRO D 120 4.71 31.66 -13.21
C PRO D 120 4.94 31.20 -11.76
N LEU D 121 4.53 29.98 -11.41
CA LEU D 121 4.80 29.42 -10.08
C LEU D 121 6.31 29.27 -9.84
N ARG D 122 7.03 28.77 -10.84
CA ARG D 122 8.48 28.64 -10.76
C ARG D 122 9.15 29.99 -10.53
N GLN D 123 8.78 30.99 -11.34
CA GLN D 123 9.40 32.31 -11.22
C GLN D 123 9.12 32.94 -9.85
N THR D 124 7.89 32.76 -9.37
CA THR D 124 7.49 33.30 -8.06
C THR D 124 8.26 32.58 -6.95
N LEU D 125 8.40 31.27 -7.08
CA LEU D 125 9.18 30.48 -6.14
C LEU D 125 10.66 30.90 -6.15
N LYS D 126 11.23 31.18 -7.32
CA LYS D 126 12.61 31.68 -7.33
C LYS D 126 12.75 33.01 -6.57
N ALA D 127 11.81 33.92 -6.82
CA ALA D 127 11.81 35.22 -6.11
C ALA D 127 11.62 35.09 -4.60
N ARG D 128 10.80 34.13 -4.16
CA ARG D 128 10.50 33.98 -2.74
C ARG D 128 11.49 33.08 -2.00
N MET D 129 12.11 32.14 -2.71
CA MET D 129 13.02 31.17 -2.06
C MET D 129 14.50 31.58 -2.11
N GLY D 130 14.88 32.42 -3.07
CA GLY D 130 16.27 32.88 -3.21
C GLY D 130 17.28 31.75 -3.38
N ASN D 131 18.37 31.82 -2.62
CA ASN D 131 19.46 30.81 -2.68
C ASN D 131 19.02 29.37 -2.36
N TYR D 132 17.89 29.22 -1.69
CA TYR D 132 17.37 27.90 -1.32
C TYR D 132 16.31 27.35 -2.28
N PHE D 133 16.07 28.05 -3.38
CA PHE D 133 15.20 27.51 -4.42
C PHE D 133 15.66 26.14 -4.90
N ASP D 134 14.69 25.25 -5.10
CA ASP D 134 14.95 23.96 -5.74
C ASP D 134 13.78 23.60 -6.65
N GLU D 135 14.12 23.12 -7.85
CA GLU D 135 13.12 22.66 -8.83
C GLU D 135 12.18 21.57 -8.28
N ASP D 136 12.61 20.81 -7.27
CA ASP D 136 11.70 19.83 -6.67
C ASP D 136 10.38 20.44 -6.15
N THR D 137 10.44 21.68 -5.66
CA THR D 137 9.21 22.36 -5.26
C THR D 137 8.29 22.66 -6.45
N VAL D 138 8.88 22.97 -7.61
CA VAL D 138 8.09 23.22 -8.83
C VAL D 138 7.42 21.93 -9.32
N ALA D 139 8.16 20.82 -9.31
CA ALA D 139 7.56 19.53 -9.68
C ALA D 139 6.40 19.18 -8.73
N ALA D 140 6.55 19.48 -7.44
CA ALA D 140 5.46 19.25 -6.50
C ALA D 140 4.20 20.07 -6.87
N TRP D 141 4.37 21.36 -7.13
CA TRP D 141 3.25 22.22 -7.53
C TRP D 141 2.65 21.76 -8.86
N ALA D 142 3.49 21.31 -9.80
CA ALA D 142 3.01 20.79 -11.08
C ALA D 142 2.11 19.55 -10.90
N SER D 143 2.45 18.68 -9.94
CA SER D 143 1.60 17.53 -9.65
C SER D 143 0.22 17.95 -9.14
N LEU D 144 0.19 18.94 -8.26
CA LEU D 144 -1.09 19.45 -7.74
C LEU D 144 -1.91 20.13 -8.85
N VAL D 145 -1.26 21.00 -9.63
CA VAL D 145 -1.88 21.63 -10.80
C VAL D 145 -2.47 20.58 -11.77
N ALA D 146 -1.77 19.45 -11.95
CA ALA D 146 -2.24 18.39 -12.85
C ALA D 146 -3.56 17.75 -12.40
N VAL D 147 -3.80 17.69 -11.08
CA VAL D 147 -5.11 17.24 -10.56
C VAL D 147 -6.23 18.18 -11.07
N VAL D 148 -6.00 19.49 -10.96
CA VAL D 148 -6.97 20.48 -11.45
C VAL D 148 -7.14 20.37 -12.97
N GLN D 149 -6.02 20.23 -13.68
CA GLN D 149 -6.07 20.10 -15.14
C GLN D 149 -6.96 18.94 -15.59
N ALA D 150 -6.88 17.81 -14.88
CA ALA D 150 -7.69 16.63 -15.18
C ALA D 150 -9.19 16.88 -14.98
N ALA D 151 -9.55 17.89 -14.18
CA ALA D 151 -10.96 18.23 -13.92
C ALA D 151 -11.55 19.17 -14.97
N LEU D 152 -10.69 19.74 -15.82
CA LEU D 152 -11.12 20.76 -16.78
C LEU D 152 -11.50 20.14 -18.11
N VAL E 2 20.92 -51.17 -0.82
CA VAL E 2 19.78 -50.21 -1.04
C VAL E 2 19.34 -49.57 0.29
N ASP E 3 19.12 -50.39 1.32
CA ASP E 3 18.66 -49.82 2.60
C ASP E 3 19.66 -48.81 3.19
N ALA E 4 20.95 -49.15 3.16
CA ALA E 4 21.99 -48.25 3.68
C ALA E 4 22.05 -46.94 2.86
N ALA E 5 21.88 -47.05 1.55
CA ALA E 5 21.89 -45.87 0.67
C ALA E 5 20.68 -44.94 0.91
N VAL E 6 19.50 -45.56 1.04
CA VAL E 6 18.28 -44.82 1.43
C VAL E 6 18.44 -44.14 2.78
N ALA E 7 19.05 -44.84 3.73
CA ALA E 7 19.21 -44.29 5.07
C ALA E 7 20.11 -43.06 5.09
N LYS E 8 21.14 -43.05 4.24
CA LYS E 8 22.04 -41.88 4.14
C LYS E 8 21.27 -40.66 3.65
N VAL E 9 20.51 -40.85 2.56
CA VAL E 9 19.73 -39.76 1.96
C VAL E 9 18.67 -39.23 2.93
N CYS E 10 17.86 -40.15 3.46
CA CYS E 10 16.72 -39.76 4.29
C CYS E 10 17.14 -39.38 5.72
N GLY E 11 18.36 -39.75 6.12
CA GLY E 11 18.85 -39.42 7.45
C GLY E 11 19.50 -38.05 7.57
N SER E 12 19.65 -37.36 6.45
CA SER E 12 20.20 -36.00 6.49
C SER E 12 19.18 -34.99 6.01
N GLU E 13 18.74 -34.13 6.91
CA GLU E 13 17.80 -33.07 6.51
CA GLU E 13 17.82 -33.03 6.56
C GLU E 13 18.46 -32.09 5.53
N ALA E 14 19.79 -31.96 5.56
CA ALA E 14 20.49 -31.13 4.56
C ALA E 14 20.44 -31.75 3.16
N ILE E 15 20.68 -33.05 3.03
CA ILE E 15 20.56 -33.72 1.74
C ILE E 15 19.14 -33.55 1.20
N LYS E 16 18.14 -33.82 2.04
CA LYS E 16 16.75 -33.71 1.59
C LYS E 16 16.40 -32.28 1.16
N ALA E 17 16.86 -31.30 1.94
CA ALA E 17 16.60 -29.89 1.62
C ALA E 17 17.25 -29.51 0.30
N ASN E 18 18.50 -29.91 0.09
CA ASN E 18 19.22 -29.58 -1.15
C ASN E 18 18.63 -30.27 -2.36
N LEU E 19 18.19 -31.52 -2.20
CA LEU E 19 17.44 -32.19 -3.28
C LEU E 19 16.13 -31.46 -3.64
N ARG E 20 15.35 -31.10 -2.63
CA ARG E 20 14.06 -30.42 -2.87
C ARG E 20 14.28 -29.03 -3.50
N ARG E 21 15.23 -28.27 -2.99
CA ARG E 21 15.45 -26.91 -3.51
C ARG E 21 15.99 -26.94 -4.95
N SER E 22 16.94 -27.82 -5.22
CA SER E 22 17.50 -27.93 -6.54
C SER E 22 16.47 -28.48 -7.53
N TRP E 23 15.66 -29.46 -7.10
CA TRP E 23 14.56 -29.96 -7.95
CA TRP E 23 14.62 -29.94 -7.99
C TRP E 23 13.58 -28.84 -8.29
N GLY E 24 13.30 -27.98 -7.31
CA GLY E 24 12.41 -26.83 -7.55
C GLY E 24 12.95 -25.92 -8.65
N VAL E 25 14.25 -25.64 -8.63
CA VAL E 25 14.89 -24.89 -9.70
C VAL E 25 14.77 -25.60 -11.05
N LEU E 26 15.16 -26.88 -11.10
CA LEU E 26 15.11 -27.64 -12.35
C LEU E 26 13.67 -27.72 -12.90
N SER E 27 12.68 -27.71 -11.99
CA SER E 27 11.27 -27.81 -12.39
CA SER E 27 11.27 -27.81 -12.38
C SER E 27 10.70 -26.54 -13.05
N ALA E 28 11.50 -25.47 -13.07
CA ALA E 28 11.10 -24.26 -13.81
C ALA E 28 11.01 -24.55 -15.31
N ASP E 29 11.70 -25.61 -15.76
CA ASP E 29 11.65 -25.99 -17.16
C ASP E 29 12.09 -27.45 -17.28
N ILE E 30 11.18 -28.38 -17.02
CA ILE E 30 11.60 -29.80 -16.98
C ILE E 30 12.06 -30.31 -18.34
N GLU E 31 11.46 -29.82 -19.43
CA GLU E 31 11.91 -30.23 -20.75
C GLU E 31 13.35 -29.80 -21.02
N ALA E 32 13.66 -28.52 -20.77
CA ALA E 32 15.04 -28.03 -20.95
C ALA E 32 16.01 -28.76 -20.01
N THR E 33 15.60 -29.00 -18.78
CA THR E 33 16.42 -29.76 -17.82
C THR E 33 16.77 -31.15 -18.37
N GLY E 34 15.76 -31.90 -18.81
CA GLY E 34 15.97 -33.24 -19.36
C GLY E 34 16.91 -33.25 -20.55
N LEU E 35 16.70 -32.32 -21.48
CA LEU E 35 17.55 -32.24 -22.66
C LEU E 35 18.99 -31.85 -22.32
N MET E 36 19.15 -30.93 -21.36
CA MET E 36 20.49 -30.50 -20.92
C MET E 36 21.24 -31.65 -20.25
N LEU E 37 20.55 -32.39 -19.39
CA LEU E 37 21.15 -33.56 -18.75
C LEU E 37 21.60 -34.58 -19.78
N MET E 38 20.74 -34.88 -20.76
CA MET E 38 21.12 -35.85 -21.80
C MET E 38 22.29 -35.35 -22.67
N SER E 39 22.27 -34.06 -23.02
CA SER E 39 23.40 -33.47 -23.75
C SER E 39 24.70 -33.62 -22.96
N ASN E 40 24.64 -33.28 -21.66
CA ASN E 40 25.81 -33.45 -20.80
C ASN E 40 26.27 -34.92 -20.70
N LEU E 41 25.32 -35.86 -20.61
CA LEU E 41 25.68 -37.29 -20.59
C LEU E 41 26.45 -37.68 -21.86
N PHE E 42 25.91 -37.33 -23.02
CA PHE E 42 26.52 -37.79 -24.27
C PHE E 42 27.81 -37.04 -24.64
N THR E 43 27.98 -35.83 -24.12
CA THR E 43 29.19 -35.05 -24.37
C THR E 43 30.34 -35.47 -23.41
N LEU E 44 30.03 -35.59 -22.12
CA LEU E 44 31.02 -36.00 -21.12
C LEU E 44 31.31 -37.49 -21.17
N ARG E 45 30.32 -38.28 -21.61
CA ARG E 45 30.42 -39.74 -21.65
C ARG E 45 29.84 -40.30 -22.96
N PRO E 46 30.51 -40.00 -24.09
CA PRO E 46 30.02 -40.51 -25.38
C PRO E 46 29.99 -42.03 -25.46
N ASP E 47 30.75 -42.69 -24.58
CA ASP E 47 30.74 -44.16 -24.54
C ASP E 47 29.34 -44.72 -24.23
N THR E 48 28.51 -43.94 -23.52
CA THR E 48 27.18 -44.41 -23.12
C THR E 48 26.16 -44.38 -24.28
N LYS E 49 26.53 -43.76 -25.41
CA LYS E 49 25.64 -43.74 -26.59
C LYS E 49 25.24 -45.13 -27.06
N THR E 50 26.09 -46.13 -26.83
CA THR E 50 25.80 -47.50 -27.26
C THR E 50 24.57 -48.11 -26.57
N TYR E 51 24.17 -47.58 -25.42
CA TYR E 51 22.94 -48.05 -24.75
C TYR E 51 21.67 -47.47 -25.40
N PHE E 52 21.82 -46.45 -26.25
CA PHE E 52 20.70 -45.65 -26.75
C PHE E 52 20.50 -45.72 -28.26
N THR E 53 20.86 -46.85 -28.87
CA THR E 53 20.74 -47.06 -30.33
C THR E 53 19.35 -46.69 -30.89
N ARG E 54 18.30 -47.07 -30.16
CA ARG E 54 16.91 -46.82 -30.59
C ARG E 54 16.61 -45.34 -30.81
N LEU E 55 17.30 -44.47 -30.07
CA LEU E 55 17.05 -43.04 -30.15
C LEU E 55 17.61 -42.33 -31.38
N GLY E 56 18.51 -42.98 -32.12
CA GLY E 56 19.06 -42.39 -33.33
C GLY E 56 20.14 -41.36 -33.08
N ASP E 57 20.13 -40.28 -33.86
CA ASP E 57 21.17 -39.24 -33.77
C ASP E 57 20.92 -38.33 -32.57
N VAL E 58 21.52 -38.65 -31.44
CA VAL E 58 21.28 -37.91 -30.21
C VAL E 58 21.87 -36.48 -30.21
N GLN E 59 22.85 -36.22 -31.07
CA GLN E 59 23.41 -34.87 -31.20
C GLN E 59 22.38 -33.83 -31.66
N LYS E 60 21.29 -34.30 -32.26
CA LYS E 60 20.22 -33.42 -32.75
C LYS E 60 19.36 -32.77 -31.65
N GLY E 61 19.47 -33.25 -30.41
CA GLY E 61 18.77 -32.63 -29.28
C GLY E 61 17.26 -32.66 -29.43
N LYS E 62 16.62 -31.54 -29.15
CA LYS E 62 15.15 -31.42 -29.18
C LYS E 62 14.53 -31.78 -30.54
N ALA E 63 15.28 -31.56 -31.63
CA ALA E 63 14.79 -31.85 -33.00
C ALA E 63 14.62 -33.35 -33.24
N ASN E 64 15.23 -34.16 -32.39
CA ASN E 64 15.08 -35.61 -32.44
C ASN E 64 13.95 -36.01 -31.50
N SER E 65 12.78 -36.37 -32.06
CA SER E 65 11.58 -36.61 -31.24
C SER E 65 11.73 -37.79 -30.25
N LYS E 66 12.45 -38.84 -30.65
CA LYS E 66 12.68 -39.96 -29.74
C LYS E 66 13.56 -39.55 -28.57
N LEU E 67 14.62 -38.77 -28.85
CA LEU E 67 15.45 -38.25 -27.77
C LEU E 67 14.65 -37.32 -26.86
N ARG E 68 13.85 -36.42 -27.47
CA ARG E 68 13.00 -35.51 -26.70
C ARG E 68 12.03 -36.26 -25.77
N GLY E 69 11.40 -37.30 -26.30
CA GLY E 69 10.50 -38.16 -25.49
C GLY E 69 11.21 -38.75 -24.28
N HIS E 70 12.39 -39.31 -24.51
CA HIS E 70 13.17 -39.87 -23.41
C HIS E 70 13.62 -38.80 -22.39
N ALA E 71 14.13 -37.67 -22.90
CA ALA E 71 14.62 -36.60 -22.03
C ALA E 71 13.53 -36.08 -21.09
N ILE E 72 12.33 -35.87 -21.63
CA ILE E 72 11.18 -35.43 -20.82
C ILE E 72 10.80 -36.51 -19.80
N THR E 73 10.71 -37.75 -20.27
CA THR E 73 10.24 -38.86 -19.44
C THR E 73 11.17 -39.15 -18.26
N LEU E 74 12.47 -39.02 -18.49
CA LEU E 74 13.48 -39.23 -17.43
C LEU E 74 13.19 -38.35 -16.21
N THR E 75 12.75 -37.11 -16.45
CA THR E 75 12.54 -36.18 -15.33
C THR E 75 11.42 -36.59 -14.37
N TYR E 76 10.45 -37.39 -14.86
CA TYR E 76 9.34 -37.83 -14.02
C TYR E 76 9.75 -38.95 -13.06
N ALA E 77 10.85 -39.64 -13.36
CA ALA E 77 11.49 -40.55 -12.38
C ALA E 77 12.11 -39.70 -11.26
N LEU E 78 12.84 -38.65 -11.64
CA LEU E 78 13.43 -37.75 -10.63
C LEU E 78 12.34 -37.10 -9.77
N ASN E 79 11.24 -36.65 -10.40
CA ASN E 79 10.10 -36.10 -9.68
C ASN E 79 9.56 -37.06 -8.61
N ASN E 80 9.38 -38.32 -9.00
CA ASN E 80 8.95 -39.39 -8.10
C ASN E 80 9.96 -39.60 -6.94
N PHE E 81 11.25 -39.68 -7.27
CA PHE E 81 12.29 -39.83 -6.23
C PHE E 81 12.21 -38.70 -5.19
N VAL E 82 12.15 -37.44 -5.67
CA VAL E 82 12.12 -36.29 -4.76
C VAL E 82 10.85 -36.31 -3.88
N ASP E 83 9.72 -36.68 -4.48
CA ASP E 83 8.45 -36.81 -3.75
C ASP E 83 8.45 -37.97 -2.74
N SER E 84 9.48 -38.82 -2.78
CA SER E 84 9.59 -40.00 -1.91
C SER E 84 10.45 -39.77 -0.67
N LEU E 85 11.06 -38.59 -0.56
CA LEU E 85 12.11 -38.35 0.43
C LEU E 85 11.63 -38.36 1.90
N ASP E 86 10.35 -38.09 2.14
CA ASP E 86 9.80 -38.12 3.51
C ASP E 86 9.48 -39.53 4.02
N ASP E 87 9.64 -40.54 3.17
CA ASP E 87 9.26 -41.91 3.51
C ASP E 87 10.29 -42.89 2.94
N PRO E 88 11.28 -43.29 3.76
CA PRO E 88 12.31 -44.22 3.31
C PRO E 88 11.74 -45.46 2.60
N SER E 89 10.66 -46.03 3.13
CA SER E 89 10.07 -47.24 2.53
C SER E 89 9.55 -46.96 1.13
N ARG E 90 9.03 -45.74 0.92
CA ARG E 90 8.61 -45.33 -0.42
C ARG E 90 9.81 -45.17 -1.36
N LEU E 91 10.84 -44.44 -0.93
CA LEU E 91 12.02 -44.29 -1.78
C LEU E 91 12.59 -45.65 -2.20
N LYS E 92 12.70 -46.58 -1.24
CA LYS E 92 13.15 -47.94 -1.55
C LYS E 92 12.30 -48.61 -2.64
N CYS E 93 10.99 -48.67 -2.46
CA CYS E 93 10.17 -49.41 -3.42
C CYS E 93 10.10 -48.74 -4.79
N VAL E 94 10.19 -47.41 -4.81
CA VAL E 94 10.20 -46.66 -6.08
C VAL E 94 11.51 -46.88 -6.85
N VAL E 95 12.64 -46.89 -6.14
CA VAL E 95 13.93 -47.13 -6.79
C VAL E 95 14.06 -48.57 -7.27
N GLU E 96 13.59 -49.53 -6.46
CA GLU E 96 13.60 -50.93 -6.89
C GLU E 96 12.74 -51.15 -8.13
N LYS E 97 11.57 -50.50 -8.19
CA LYS E 97 10.72 -50.55 -9.38
C LYS E 97 11.47 -49.97 -10.61
N PHE E 98 12.04 -48.77 -10.43
CA PHE E 98 12.80 -48.07 -11.48
C PHE E 98 13.94 -48.92 -12.03
N ALA E 99 14.57 -49.68 -11.14
CA ALA E 99 15.76 -50.46 -11.49
C ALA E 99 15.46 -51.64 -12.43
N VAL E 100 14.24 -52.17 -12.39
CA VAL E 100 13.92 -53.41 -13.15
C VAL E 100 14.30 -53.29 -14.64
N ASN E 101 13.81 -52.25 -15.31
CA ASN E 101 14.12 -52.06 -16.73
C ASN E 101 15.60 -51.80 -16.99
N HIS E 102 16.26 -51.10 -16.07
CA HIS E 102 17.69 -50.79 -16.21
C HIS E 102 18.54 -52.07 -16.06
N ILE E 103 18.18 -52.94 -15.11
CA ILE E 103 18.81 -54.25 -14.97
C ILE E 103 18.60 -55.06 -16.26
N ASN E 104 17.39 -55.04 -16.80
CA ASN E 104 17.09 -55.79 -18.02
C ASN E 104 17.92 -55.34 -19.23
N ARG E 105 18.28 -54.05 -19.25
CA ARG E 105 19.13 -53.50 -20.32
CA ARG E 105 19.14 -53.47 -20.29
C ARG E 105 20.63 -53.67 -20.01
N LYS E 106 20.93 -54.44 -18.96
CA LYS E 106 22.32 -54.71 -18.53
C LYS E 106 23.14 -53.44 -18.25
N ILE E 107 22.51 -52.51 -17.52
CA ILE E 107 23.18 -51.30 -17.05
C ILE E 107 23.61 -51.52 -15.61
N SER E 108 24.92 -51.63 -15.40
CA SER E 108 25.49 -51.86 -14.07
C SER E 108 25.41 -50.60 -13.22
N GLY E 109 25.67 -50.74 -11.91
CA GLY E 109 25.78 -49.60 -11.02
C GLY E 109 26.83 -48.62 -11.49
N ASP E 110 27.99 -49.13 -11.92
CA ASP E 110 29.06 -48.29 -12.44
C ASP E 110 28.63 -47.54 -13.70
N ALA E 111 27.94 -48.23 -14.62
CA ALA E 111 27.44 -47.59 -15.84
C ALA E 111 26.44 -46.50 -15.52
N PHE E 112 25.50 -46.78 -14.61
CA PHE E 112 24.49 -45.78 -14.25
C PHE E 112 25.13 -44.54 -13.65
N GLY E 113 26.22 -44.75 -12.90
CA GLY E 113 26.97 -43.66 -12.27
C GLY E 113 27.65 -42.71 -13.25
N ALA E 114 27.68 -43.09 -14.54
CA ALA E 114 28.12 -42.17 -15.59
C ALA E 114 27.36 -40.84 -15.56
N ILE E 115 26.14 -40.87 -15.00
CA ILE E 115 25.29 -39.67 -14.92
C ILE E 115 25.73 -38.63 -13.88
N VAL E 116 26.60 -39.00 -12.93
CA VAL E 116 26.88 -38.12 -11.79
C VAL E 116 27.51 -36.77 -12.22
N GLU E 117 28.58 -36.83 -13.00
CA GLU E 117 29.22 -35.59 -13.48
C GLU E 117 28.31 -34.80 -14.43
N PRO E 118 27.62 -35.47 -15.36
CA PRO E 118 26.59 -34.76 -16.14
C PRO E 118 25.53 -34.04 -15.28
N MET E 119 25.04 -34.67 -14.22
CA MET E 119 24.11 -34.03 -13.29
C MET E 119 24.76 -32.84 -12.57
N LYS E 120 25.98 -32.99 -12.08
CA LYS E 120 26.70 -31.89 -11.41
C LYS E 120 26.81 -30.67 -12.34
N GLU E 121 27.17 -30.90 -13.58
CA GLU E 121 27.32 -29.82 -14.56
C GLU E 121 25.98 -29.18 -14.90
N THR E 122 24.91 -29.98 -14.96
CA THR E 122 23.54 -29.46 -15.14
C THR E 122 23.14 -28.55 -13.97
N LEU E 123 23.39 -29.00 -12.75
CA LEU E 123 23.12 -28.20 -11.55
C LEU E 123 23.88 -26.87 -11.55
N LYS E 124 25.17 -26.92 -11.88
CA LYS E 124 26.00 -25.70 -11.95
C LYS E 124 25.42 -24.72 -12.98
N ALA E 125 24.98 -25.25 -14.13
CA ALA E 125 24.51 -24.42 -15.22
C ALA E 125 23.12 -23.83 -14.97
N ARG E 126 22.36 -24.42 -14.06
CA ARG E 126 20.96 -24.02 -13.83
C ARG E 126 20.65 -23.38 -12.47
N MET E 127 21.58 -23.46 -11.51
CA MET E 127 21.31 -23.00 -10.15
C MET E 127 21.95 -21.66 -9.75
N GLY E 128 22.79 -21.10 -10.62
CA GLY E 128 23.51 -19.87 -10.27
C GLY E 128 24.24 -19.99 -8.94
N ASN E 129 24.17 -18.96 -8.11
CA ASN E 129 24.89 -18.96 -6.84
C ASN E 129 24.28 -19.87 -5.76
N TYR E 130 23.15 -20.50 -6.05
CA TYR E 130 22.59 -21.49 -5.13
C TYR E 130 23.26 -22.86 -5.27
N TYR E 131 24.06 -23.05 -6.32
CA TYR E 131 24.88 -24.27 -6.43
C TYR E 131 25.93 -24.30 -5.31
N SER E 132 26.17 -25.48 -4.73
CA SER E 132 27.33 -25.68 -3.86
C SER E 132 27.77 -27.13 -3.93
N ASP E 133 28.96 -27.42 -3.40
CA ASP E 133 29.43 -28.79 -3.23
C ASP E 133 28.40 -29.68 -2.53
N ASP E 134 27.73 -29.14 -1.50
CA ASP E 134 26.72 -29.89 -0.75
C ASP E 134 25.56 -30.32 -1.66
N VAL E 135 25.17 -29.48 -2.61
CA VAL E 135 24.11 -29.84 -3.54
C VAL E 135 24.54 -31.01 -4.44
N ALA E 136 25.77 -30.93 -4.97
CA ALA E 136 26.33 -32.03 -5.76
C ALA E 136 26.36 -33.32 -4.94
N GLY E 137 26.76 -33.20 -3.67
CA GLY E 137 26.87 -34.38 -2.79
C GLY E 137 25.51 -35.02 -2.55
N ALA E 138 24.48 -34.19 -2.42
CA ALA E 138 23.12 -34.71 -2.24
C ALA E 138 22.67 -35.55 -3.44
N TRP E 139 22.93 -35.04 -4.65
CA TRP E 139 22.60 -35.78 -5.87
C TRP E 139 23.44 -37.05 -6.07
N ALA E 140 24.71 -37.01 -5.68
CA ALA E 140 25.55 -38.22 -5.73
C ALA E 140 24.98 -39.30 -4.80
N ALA E 141 24.52 -38.89 -3.62
CA ALA E 141 23.89 -39.83 -2.68
C ALA E 141 22.59 -40.43 -3.21
N LEU E 142 21.75 -39.61 -3.85
CA LEU E 142 20.51 -40.13 -4.43
C LEU E 142 20.79 -41.12 -5.57
N VAL E 143 21.69 -40.75 -6.48
CA VAL E 143 22.08 -41.67 -7.56
C VAL E 143 22.67 -42.96 -6.97
N GLY E 144 23.36 -42.83 -5.83
CA GLY E 144 23.91 -44.00 -5.15
C GLY E 144 22.85 -45.02 -4.72
N VAL E 145 21.64 -44.56 -4.41
CA VAL E 145 20.52 -45.47 -4.13
C VAL E 145 20.22 -46.34 -5.36
N VAL E 146 20.12 -45.71 -6.54
CA VAL E 146 19.92 -46.47 -7.77
C VAL E 146 21.08 -47.44 -8.03
N GLN E 147 22.31 -46.95 -7.91
CA GLN E 147 23.48 -47.81 -8.14
C GLN E 147 23.47 -49.08 -7.28
N ALA E 148 23.07 -48.94 -6.02
CA ALA E 148 22.93 -50.07 -5.09
C ALA E 148 21.87 -51.09 -5.51
N ALA E 149 20.85 -50.62 -6.22
CA ALA E 149 19.72 -51.44 -6.68
C ALA E 149 20.01 -52.18 -7.97
N LEU E 150 21.08 -51.80 -8.67
CA LEU E 150 21.43 -52.39 -9.98
C LEU E 150 22.36 -53.59 -9.87
N SER F 2 -0.07 -45.12 -38.79
CA SER F 2 -0.27 -44.71 -37.37
C SER F 2 -1.26 -43.55 -37.20
N ARG F 3 -2.17 -43.67 -36.23
CA ARG F 3 -3.13 -42.60 -35.92
C ARG F 3 -2.76 -41.74 -34.69
N VAL F 4 -1.56 -41.95 -34.15
CA VAL F 4 -1.12 -41.24 -32.95
C VAL F 4 -1.18 -39.72 -33.15
N ALA F 5 -0.57 -39.22 -34.23
CA ALA F 5 -0.54 -37.78 -34.50
C ALA F 5 -1.94 -37.17 -34.65
N GLU F 6 -2.80 -37.85 -35.40
CA GLU F 6 -4.18 -37.42 -35.63
C GLU F 6 -4.97 -37.33 -34.30
N LEU F 7 -4.90 -38.38 -33.49
CA LEU F 7 -5.63 -38.38 -32.23
C LEU F 7 -5.03 -37.41 -31.20
N ALA F 8 -3.70 -37.32 -31.17
CA ALA F 8 -3.04 -36.34 -30.30
C ALA F 8 -3.47 -34.92 -30.66
N ASN F 9 -3.49 -34.62 -31.97
CA ASN F 9 -3.91 -33.30 -32.43
C ASN F 9 -5.33 -32.98 -31.98
N ALA F 10 -6.23 -33.96 -32.05
CA ALA F 10 -7.61 -33.74 -31.62
C ALA F 10 -7.73 -33.45 -30.12
N VAL F 11 -6.90 -34.11 -29.29
CA VAL F 11 -6.88 -33.83 -27.86
C VAL F 11 -6.38 -32.40 -27.59
N VAL F 12 -5.24 -32.05 -28.19
CA VAL F 12 -4.63 -30.74 -27.97
C VAL F 12 -5.58 -29.63 -28.42
N SER F 13 -6.41 -29.93 -29.43
CA SER F 13 -7.33 -28.94 -30.01
C SER F 13 -8.69 -28.81 -29.29
N ASN F 14 -8.92 -29.61 -28.25
CA ASN F 14 -10.20 -29.59 -27.55
C ASN F 14 -10.05 -29.07 -26.13
N ALA F 15 -10.28 -27.76 -25.96
CA ALA F 15 -10.16 -27.10 -24.65
C ALA F 15 -11.06 -27.70 -23.56
N ASP F 16 -12.29 -28.08 -23.93
CA ASP F 16 -13.23 -28.66 -22.95
C ASP F 16 -12.67 -29.96 -22.37
N GLN F 17 -12.15 -30.84 -23.24
CA GLN F 17 -11.54 -32.10 -22.79
C GLN F 17 -10.30 -31.84 -21.93
N LYS F 18 -9.44 -30.91 -22.37
CA LYS F 18 -8.24 -30.59 -21.59
C LYS F 18 -8.56 -30.07 -20.20
N ASP F 19 -9.58 -29.21 -20.12
CA ASP F 19 -10.03 -28.67 -18.83
C ASP F 19 -10.51 -29.81 -17.91
N LEU F 20 -11.27 -30.76 -18.46
CA LEU F 20 -11.74 -31.91 -17.68
C LEU F 20 -10.59 -32.79 -17.21
N LEU F 21 -9.60 -33.01 -18.08
CA LEU F 21 -8.41 -33.77 -17.71
C LEU F 21 -7.63 -33.10 -16.58
N ARG F 22 -7.38 -31.79 -16.70
CA ARG F 22 -6.61 -31.09 -15.65
C ARG F 22 -7.39 -30.99 -14.34
N MET F 23 -8.70 -30.71 -14.41
CA MET F 23 -9.53 -30.62 -13.20
C MET F 23 -9.55 -31.95 -12.45
N SER F 24 -9.89 -33.02 -13.16
CA SER F 24 -9.93 -34.33 -12.50
C SER F 24 -8.55 -34.79 -12.05
N TRP F 25 -7.51 -34.49 -12.83
CA TRP F 25 -6.13 -34.73 -12.41
C TRP F 25 -5.75 -34.04 -11.09
N GLY F 26 -6.23 -32.80 -10.90
CA GLY F 26 -6.02 -32.11 -9.64
C GLY F 26 -6.53 -32.88 -8.43
N VAL F 27 -7.62 -33.63 -8.61
CA VAL F 27 -8.17 -34.48 -7.57
C VAL F 27 -7.41 -35.82 -7.48
N LEU F 28 -7.19 -36.46 -8.62
CA LEU F 28 -6.52 -37.77 -8.64
C LEU F 28 -5.11 -37.74 -8.08
N SER F 29 -4.45 -36.60 -8.21
CA SER F 29 -3.05 -36.45 -7.82
C SER F 29 -2.80 -35.94 -6.40
N VAL F 30 -3.87 -35.70 -5.63
CA VAL F 30 -3.73 -35.31 -4.21
C VAL F 30 -2.95 -36.40 -3.46
N ASP F 31 -3.32 -37.64 -3.75
CA ASP F 31 -2.75 -38.84 -3.13
C ASP F 31 -2.26 -39.76 -4.25
N MET F 32 -1.06 -39.51 -4.76
CA MET F 32 -0.50 -40.28 -5.88
C MET F 32 -0.46 -41.76 -5.56
N GLU F 33 0.05 -42.09 -4.37
CA GLU F 33 0.16 -43.51 -3.97
C GLU F 33 -1.21 -44.17 -3.84
N GLY F 34 -2.09 -43.55 -3.06
CA GLY F 34 -3.42 -44.13 -2.79
C GLY F 34 -4.25 -44.28 -4.06
N THR F 35 -4.23 -43.26 -4.90
CA THR F 35 -4.95 -43.32 -6.17
C THR F 35 -4.37 -44.35 -7.15
N GLY F 36 -3.04 -44.42 -7.24
CA GLY F 36 -2.39 -45.43 -8.09
C GLY F 36 -2.74 -46.85 -7.63
N LEU F 37 -2.69 -47.09 -6.32
CA LEU F 37 -3.07 -48.40 -5.78
C LEU F 37 -4.54 -48.74 -6.04
N MET F 38 -5.40 -47.73 -5.97
CA MET F 38 -6.84 -47.92 -6.20
C MET F 38 -7.11 -48.28 -7.67
N LEU F 39 -6.43 -47.57 -8.57
CA LEU F 39 -6.57 -47.86 -10.01
C LEU F 39 -6.16 -49.30 -10.33
N MET F 40 -5.01 -49.71 -9.78
CA MET F 40 -4.51 -51.09 -9.97
C MET F 40 -5.44 -52.13 -9.33
N ALA F 41 -5.93 -51.87 -8.12
CA ALA F 41 -6.91 -52.77 -7.48
C ALA F 41 -8.15 -52.98 -8.34
N ASN F 42 -8.67 -51.89 -8.90
CA ASN F 42 -9.82 -51.98 -9.80
C ASN F 42 -9.51 -52.77 -11.08
N LEU F 43 -8.32 -52.55 -11.66
CA LEU F 43 -7.89 -53.31 -12.84
C LEU F 43 -7.92 -54.82 -12.58
N PHE F 44 -7.35 -55.24 -11.46
CA PHE F 44 -7.30 -56.67 -11.15
C PHE F 44 -8.68 -57.28 -10.88
N LYS F 45 -9.61 -56.47 -10.38
CA LYS F 45 -10.98 -56.95 -10.14
C LYS F 45 -11.80 -57.15 -11.42
N THR F 46 -11.61 -56.28 -12.41
CA THR F 46 -12.43 -56.33 -13.62
C THR F 46 -11.75 -56.94 -14.84
N SER F 47 -10.43 -57.05 -14.78
CA SER F 47 -9.66 -57.81 -15.77
C SER F 47 -8.72 -58.79 -15.07
N PRO F 48 -9.27 -59.91 -14.54
CA PRO F 48 -8.42 -60.88 -13.83
C PRO F 48 -7.20 -61.36 -14.62
N SER F 49 -7.29 -61.33 -15.96
CA SER F 49 -6.15 -61.64 -16.82
C SER F 49 -4.93 -60.72 -16.61
N ALA F 50 -5.18 -59.51 -16.11
CA ALA F 50 -4.10 -58.56 -15.79
C ALA F 50 -3.15 -59.11 -14.73
N LYS F 51 -3.66 -59.95 -13.83
CA LYS F 51 -2.83 -60.55 -12.79
C LYS F 51 -1.64 -61.28 -13.39
N GLY F 52 -1.88 -62.04 -14.46
CA GLY F 52 -0.85 -62.74 -15.21
C GLY F 52 0.23 -61.85 -15.81
N LYS F 53 -0.21 -60.78 -16.47
CA LYS F 53 0.72 -59.77 -17.02
C LYS F 53 1.59 -59.17 -15.92
N PHE F 54 1.02 -59.00 -14.73
CA PHE F 54 1.71 -58.43 -13.57
C PHE F 54 2.27 -59.48 -12.60
N ALA F 55 2.58 -60.67 -13.11
CA ALA F 55 3.06 -61.78 -12.28
C ALA F 55 4.30 -61.45 -11.44
N ARG F 56 5.18 -60.59 -11.95
CA ARG F 56 6.37 -60.18 -11.20
C ARG F 56 6.02 -59.56 -9.84
N LEU F 57 4.85 -58.91 -9.76
CA LEU F 57 4.46 -58.19 -8.54
C LEU F 57 4.05 -59.08 -7.36
N GLY F 58 3.74 -60.35 -7.64
CA GLY F 58 3.37 -61.27 -6.57
C GLY F 58 1.90 -61.20 -6.21
N ASP F 59 1.61 -61.17 -4.90
CA ASP F 59 0.23 -61.19 -4.40
C ASP F 59 -0.39 -59.80 -4.50
N VAL F 60 -1.09 -59.57 -5.60
CA VAL F 60 -1.61 -58.23 -5.87
C VAL F 60 -2.85 -57.86 -5.06
N SER F 61 -3.39 -58.80 -4.30
CA SER F 61 -4.52 -58.51 -3.41
C SER F 61 -4.10 -57.76 -2.13
N ALA F 62 -2.78 -57.71 -1.89
CA ALA F 62 -2.24 -57.18 -0.63
C ALA F 62 -2.11 -55.65 -0.58
N GLY F 63 -2.40 -54.97 -1.69
CA GLY F 63 -2.36 -53.51 -1.73
C GLY F 63 -1.02 -52.92 -1.33
N LYS F 64 -1.05 -51.89 -0.49
CA LYS F 64 0.15 -51.15 -0.07
C LYS F 64 1.18 -52.00 0.69
N ASP F 65 0.74 -53.12 1.27
CA ASP F 65 1.61 -54.01 2.03
C ASP F 65 2.52 -54.86 1.14
N ASN F 66 2.25 -54.82 -0.17
CA ASN F 66 3.09 -55.47 -1.18
C ASN F 66 3.98 -54.39 -1.81
N SER F 67 5.26 -54.38 -1.45
CA SER F 67 6.16 -53.28 -1.84
C SER F 67 6.35 -53.17 -3.36
N LYS F 68 6.33 -54.29 -4.07
CA LYS F 68 6.47 -54.27 -5.53
C LYS F 68 5.24 -53.65 -6.20
N LEU F 69 4.06 -54.04 -5.73
CA LEU F 69 2.81 -53.43 -6.22
C LEU F 69 2.78 -51.94 -5.86
N ARG F 70 3.22 -51.60 -4.65
CA ARG F 70 3.26 -50.21 -4.21
C ARG F 70 4.17 -49.37 -5.11
N GLY F 71 5.37 -49.86 -5.41
CA GLY F 71 6.31 -49.15 -6.27
C GLY F 71 5.79 -48.97 -7.70
N HIS F 72 5.19 -50.03 -8.26
CA HIS F 72 4.59 -49.90 -9.59
C HIS F 72 3.43 -48.88 -9.61
N SER F 73 2.56 -48.97 -8.62
CA SER F 73 1.34 -48.14 -8.56
C SER F 73 1.65 -46.65 -8.44
N ILE F 74 2.64 -46.31 -7.63
CA ILE F 74 3.10 -44.92 -7.53
C ILE F 74 3.66 -44.47 -8.87
N THR F 75 4.51 -45.31 -9.46
CA THR F 75 5.22 -44.99 -10.71
C THR F 75 4.26 -44.78 -11.89
N LEU F 76 3.20 -45.57 -11.95
CA LEU F 76 2.17 -45.42 -12.99
C LEU F 76 1.61 -43.99 -13.01
N MET F 77 1.42 -43.41 -11.83
CA MET F 77 0.82 -42.07 -11.72
C MET F 77 1.71 -40.99 -12.29
N TYR F 78 3.03 -41.20 -12.30
CA TYR F 78 3.96 -40.21 -12.87
C TYR F 78 3.99 -40.25 -14.40
N ALA F 79 3.53 -41.35 -15.00
CA ALA F 79 3.27 -41.38 -16.45
C ALA F 79 2.03 -40.55 -16.78
N LEU F 80 0.97 -40.67 -15.97
CA LEU F 80 -0.22 -39.82 -16.17
C LEU F 80 0.13 -38.34 -15.99
N GLN F 81 0.98 -38.02 -15.02
CA GLN F 81 1.41 -36.61 -14.84
C GLN F 81 2.11 -36.09 -16.09
N ASN F 82 2.99 -36.91 -16.66
CA ASN F 82 3.70 -36.62 -17.90
C ASN F 82 2.70 -36.32 -19.03
N PHE F 83 1.72 -37.22 -19.23
CA PHE F 83 0.68 -36.99 -20.27
C PHE F 83 -0.03 -35.66 -20.03
N VAL F 84 -0.46 -35.40 -18.80
CA VAL F 84 -1.21 -34.16 -18.48
C VAL F 84 -0.37 -32.90 -18.80
N ASP F 85 0.92 -32.96 -18.48
CA ASP F 85 1.83 -31.84 -18.72
C ASP F 85 2.12 -31.61 -20.21
N ALA F 86 1.73 -32.56 -21.06
CA ALA F 86 1.95 -32.49 -22.50
C ALA F 86 0.74 -31.98 -23.30
N LEU F 87 -0.38 -31.70 -22.62
CA LEU F 87 -1.66 -31.48 -23.29
C LEU F 87 -1.75 -30.27 -24.20
N ASP F 88 -0.87 -29.27 -24.02
CA ASP F 88 -0.95 -28.08 -24.87
C ASP F 88 0.02 -28.06 -26.07
N ASP F 89 0.75 -29.16 -26.28
CA ASP F 89 1.78 -29.21 -27.34
C ASP F 89 1.69 -30.57 -28.05
N VAL F 90 1.20 -30.56 -29.29
CA VAL F 90 0.97 -31.79 -30.07
C VAL F 90 2.22 -32.65 -30.20
N GLU F 91 3.34 -32.01 -30.57
CA GLU F 91 4.59 -32.75 -30.73
C GLU F 91 5.11 -33.32 -29.41
N ARG F 92 4.92 -32.58 -28.32
CA ARG F 92 5.29 -33.09 -26.99
C ARG F 92 4.44 -34.31 -26.60
N LEU F 93 3.12 -34.22 -26.78
CA LEU F 93 2.24 -35.33 -26.43
C LEU F 93 2.55 -36.56 -27.27
N LYS F 94 2.74 -36.37 -28.57
CA LYS F 94 3.13 -37.47 -29.44
C LYS F 94 4.39 -38.16 -28.98
N CYS F 95 5.45 -37.38 -28.71
CA CYS F 95 6.74 -38.02 -28.40
C CYS F 95 6.73 -38.71 -27.03
N VAL F 96 5.97 -38.18 -26.07
CA VAL F 96 5.91 -38.86 -24.77
C VAL F 96 5.02 -40.11 -24.79
N VAL F 97 3.96 -40.11 -25.60
CA VAL F 97 3.11 -41.31 -25.78
C VAL F 97 3.88 -42.41 -26.50
N GLU F 98 4.62 -42.04 -27.56
CA GLU F 98 5.42 -43.03 -28.29
C GLU F 98 6.53 -43.62 -27.41
N LYS F 99 7.17 -42.79 -26.57
CA LYS F 99 8.19 -43.24 -25.63
C LYS F 99 7.57 -44.24 -24.65
N PHE F 100 6.43 -43.88 -24.07
CA PHE F 100 5.69 -44.72 -23.10
C PHE F 100 5.34 -46.08 -23.71
N ALA F 101 4.94 -46.07 -24.97
CA ALA F 101 4.47 -47.27 -25.66
C ALA F 101 5.54 -48.34 -25.85
N VAL F 102 6.82 -47.93 -25.95
CA VAL F 102 7.92 -48.87 -26.24
C VAL F 102 7.91 -50.11 -25.32
N ASN F 103 7.96 -49.90 -24.01
CA ASN F 103 7.99 -51.03 -23.08
C ASN F 103 6.69 -51.84 -23.10
N HIS F 104 5.56 -51.17 -23.34
CA HIS F 104 4.27 -51.86 -23.39
C HIS F 104 4.14 -52.76 -24.63
N ILE F 105 4.65 -52.29 -25.76
CA ILE F 105 4.75 -53.12 -26.97
C ILE F 105 5.61 -54.35 -26.70
N ASN F 106 6.77 -54.11 -26.07
CA ASN F 106 7.72 -55.19 -25.84
CA ASN F 106 7.75 -55.16 -25.78
C ASN F 106 7.23 -56.26 -24.85
N ARG F 107 6.25 -55.92 -24.02
CA ARG F 107 5.63 -56.91 -23.12
C ARG F 107 4.28 -57.41 -23.65
N GLN F 108 4.00 -57.10 -24.93
CA GLN F 108 2.82 -57.62 -25.64
C GLN F 108 1.49 -57.21 -25.01
N ILE F 109 1.39 -55.94 -24.60
CA ILE F 109 0.10 -55.36 -24.22
C ILE F 109 -0.53 -54.79 -25.49
N SER F 110 -1.60 -55.44 -25.97
CA SER F 110 -2.29 -54.99 -27.18
C SER F 110 -3.14 -53.74 -26.92
N ALA F 111 -3.58 -53.08 -27.99
CA ALA F 111 -4.48 -51.92 -27.88
C ALA F 111 -5.75 -52.27 -27.11
N ASP F 112 -6.35 -53.43 -27.43
CA ASP F 112 -7.53 -53.90 -26.70
C ASP F 112 -7.23 -54.13 -25.22
N GLU F 113 -6.11 -54.79 -24.93
CA GLU F 113 -5.75 -55.05 -23.55
C GLU F 113 -5.53 -53.76 -22.76
N PHE F 114 -4.86 -52.79 -23.37
CA PHE F 114 -4.62 -51.51 -22.70
C PHE F 114 -5.94 -50.81 -22.35
N GLY F 115 -6.93 -50.95 -23.23
CA GLY F 115 -8.27 -50.37 -23.03
C GLY F 115 -9.02 -50.88 -21.79
N GLU F 116 -8.57 -52.00 -21.23
CA GLU F 116 -9.12 -52.52 -19.98
C GLU F 116 -8.97 -51.54 -18.79
N ILE F 117 -8.15 -50.51 -18.95
CA ILE F 117 -7.95 -49.52 -17.87
C ILE F 117 -9.10 -48.52 -17.74
N VAL F 118 -9.96 -48.42 -18.75
CA VAL F 118 -10.99 -47.37 -18.75
C VAL F 118 -12.04 -47.56 -17.63
N GLY F 119 -12.57 -48.77 -17.50
CA GLY F 119 -13.49 -49.08 -16.39
C GLY F 119 -12.87 -48.77 -15.02
N PRO F 120 -11.65 -49.28 -14.77
CA PRO F 120 -10.93 -48.93 -13.54
C PRO F 120 -10.77 -47.42 -13.32
N LEU F 121 -10.47 -46.66 -14.38
CA LEU F 121 -10.43 -45.21 -14.30
C LEU F 121 -11.78 -44.62 -13.87
N ARG F 122 -12.86 -45.09 -14.48
CA ARG F 122 -14.21 -44.68 -14.06
C ARG F 122 -14.47 -44.94 -12.57
N GLN F 123 -14.17 -46.14 -12.09
CA GLN F 123 -14.44 -46.48 -10.70
C GLN F 123 -13.61 -45.58 -9.77
N THR F 124 -12.34 -45.36 -10.13
CA THR F 124 -11.42 -44.51 -9.36
C THR F 124 -11.91 -43.05 -9.34
N LEU F 125 -12.38 -42.56 -10.50
CA LEU F 125 -12.95 -41.22 -10.58
C LEU F 125 -14.21 -41.08 -9.72
N LYS F 126 -15.06 -42.11 -9.70
CA LYS F 126 -16.24 -42.08 -8.81
C LYS F 126 -15.81 -41.95 -7.34
N ALA F 127 -14.82 -42.74 -6.93
CA ALA F 127 -14.33 -42.72 -5.56
C ALA F 127 -13.71 -41.37 -5.17
N ARG F 128 -12.99 -40.75 -6.11
CA ARG F 128 -12.28 -39.49 -5.81
C ARG F 128 -13.13 -38.23 -5.97
N MET F 129 -14.07 -38.27 -6.93
CA MET F 129 -14.92 -37.10 -7.22
C MET F 129 -16.20 -37.06 -6.39
N GLY F 130 -16.63 -38.20 -5.83
CA GLY F 130 -17.84 -38.24 -5.02
C GLY F 130 -19.06 -37.69 -5.75
N ASN F 131 -19.85 -36.88 -5.04
CA ASN F 131 -21.09 -36.29 -5.60
C ASN F 131 -20.89 -35.42 -6.86
N TYR F 132 -19.66 -34.99 -7.11
CA TYR F 132 -19.35 -34.19 -8.30
C TYR F 132 -18.84 -35.00 -9.50
N PHE F 133 -18.85 -36.33 -9.39
CA PHE F 133 -18.53 -37.19 -10.53
C PHE F 133 -19.41 -36.91 -11.73
N ASP F 134 -18.81 -36.91 -12.92
CA ASP F 134 -19.56 -36.84 -14.17
C ASP F 134 -18.88 -37.71 -15.21
N GLU F 135 -19.69 -38.48 -15.95
CA GLU F 135 -19.19 -39.33 -17.02
C GLU F 135 -18.39 -38.57 -18.09
N ASP F 136 -18.65 -37.26 -18.25
CA ASP F 136 -17.86 -36.45 -19.20
C ASP F 136 -16.35 -36.53 -18.94
N THR F 137 -15.98 -36.65 -17.67
CA THR F 137 -14.58 -36.77 -17.29
CA THR F 137 -14.57 -36.78 -17.29
C THR F 137 -14.00 -38.11 -17.74
N VAL F 138 -14.82 -39.17 -17.65
CA VAL F 138 -14.40 -40.50 -18.12
C VAL F 138 -14.16 -40.47 -19.63
N ALA F 139 -15.06 -39.83 -20.38
CA ALA F 139 -14.88 -39.74 -21.83
C ALA F 139 -13.60 -38.98 -22.20
N ALA F 140 -13.26 -37.94 -21.44
CA ALA F 140 -12.01 -37.21 -21.64
C ALA F 140 -10.80 -38.13 -21.42
N TRP F 141 -10.80 -38.90 -20.33
CA TRP F 141 -9.72 -39.85 -20.09
C TRP F 141 -9.68 -40.97 -21.15
N ALA F 142 -10.84 -41.46 -21.57
CA ALA F 142 -10.89 -42.49 -22.62
C ALA F 142 -10.26 -42.01 -23.94
N SER F 143 -10.47 -40.73 -24.28
CA SER F 143 -9.87 -40.12 -25.48
CA SER F 143 -9.88 -40.17 -25.49
C SER F 143 -8.35 -40.08 -25.38
N LEU F 144 -7.83 -39.73 -24.20
CA LEU F 144 -6.39 -39.71 -23.98
C LEU F 144 -5.82 -41.12 -24.07
N VAL F 145 -6.51 -42.08 -23.44
CA VAL F 145 -6.12 -43.50 -23.52
C VAL F 145 -6.10 -44.00 -24.98
N ALA F 146 -7.04 -43.52 -25.79
CA ALA F 146 -7.10 -43.89 -27.21
C ALA F 146 -5.85 -43.42 -28.00
N VAL F 147 -5.25 -42.30 -27.61
CA VAL F 147 -3.98 -41.87 -28.23
C VAL F 147 -2.90 -42.93 -27.98
N VAL F 148 -2.80 -43.40 -26.72
CA VAL F 148 -1.86 -44.47 -26.36
C VAL F 148 -2.19 -45.78 -27.12
N GLN F 149 -3.48 -46.13 -27.16
CA GLN F 149 -3.90 -47.33 -27.90
C GLN F 149 -3.44 -47.33 -29.36
N ALA F 150 -3.50 -46.16 -30.01
CA ALA F 150 -3.03 -45.99 -31.39
C ALA F 150 -1.53 -46.22 -31.55
N ALA F 151 -0.78 -46.09 -30.45
CA ALA F 151 0.68 -46.30 -30.45
C ALA F 151 1.08 -47.77 -30.22
N LEU F 152 0.13 -48.60 -29.83
CA LEU F 152 0.43 -49.97 -29.41
C LEU F 152 0.25 -50.99 -30.54
N VAL G 2 -6.63 -6.16 11.91
CA VAL G 2 -5.73 -6.94 11.01
C VAL G 2 -4.90 -7.94 11.82
N ASP G 3 -4.31 -7.51 12.93
CA ASP G 3 -3.47 -8.41 13.71
C ASP G 3 -4.24 -9.63 14.20
N ALA G 4 -5.46 -9.43 14.69
CA ALA G 4 -6.31 -10.53 15.17
C ALA G 4 -6.71 -11.50 14.04
N ALA G 5 -7.02 -10.94 12.88
CA ALA G 5 -7.39 -11.75 11.72
C ALA G 5 -6.20 -12.59 11.23
N VAL G 6 -5.01 -11.99 11.20
CA VAL G 6 -3.78 -12.70 10.83
C VAL G 6 -3.50 -13.83 11.83
N ALA G 7 -3.66 -13.54 13.13
CA ALA G 7 -3.41 -14.56 14.17
C ALA G 7 -4.36 -15.77 14.06
N LYS G 8 -5.62 -15.52 13.71
CA LYS G 8 -6.61 -16.60 13.53
C LYS G 8 -6.17 -17.60 12.46
N VAL G 9 -5.66 -17.08 11.35
CA VAL G 9 -5.15 -17.89 10.25
C VAL G 9 -3.82 -18.56 10.59
N CYS G 10 -2.81 -17.76 10.92
CA CYS G 10 -1.43 -18.26 11.10
C CYS G 10 -1.25 -19.12 12.35
N GLY G 11 -2.11 -18.92 13.35
CA GLY G 11 -2.08 -19.72 14.57
C GLY G 11 -2.80 -21.05 14.49
N SER G 12 -3.46 -21.32 13.37
CA SER G 12 -4.24 -22.56 13.23
C SER G 12 -3.61 -23.52 12.22
N GLU G 13 -3.06 -24.64 12.71
CA GLU G 13 -2.53 -25.66 11.81
C GLU G 13 -3.60 -26.23 10.88
N ALA G 14 -4.82 -26.37 11.38
CA ALA G 14 -5.95 -26.84 10.57
C ALA G 14 -6.26 -25.91 9.38
N ILE G 15 -6.36 -24.61 9.65
CA ILE G 15 -6.61 -23.64 8.58
C ILE G 15 -5.48 -23.65 7.57
N LYS G 16 -4.23 -23.63 8.05
CA LYS G 16 -3.08 -23.61 7.14
C LYS G 16 -3.02 -24.87 6.27
N ALA G 17 -3.22 -26.04 6.88
CA ALA G 17 -3.24 -27.28 6.10
C ALA G 17 -4.35 -27.32 5.05
N ASN G 18 -5.54 -26.83 5.41
CA ASN G 18 -6.66 -26.77 4.47
C ASN G 18 -6.41 -25.80 3.31
N LEU G 19 -5.82 -24.63 3.60
CA LEU G 19 -5.46 -23.67 2.54
C LEU G 19 -4.41 -24.27 1.59
N ARG G 20 -3.41 -24.93 2.15
CA ARG G 20 -2.33 -25.50 1.36
C ARG G 20 -2.80 -26.66 0.47
N ARG G 21 -3.59 -27.58 1.02
CA ARG G 21 -4.09 -28.71 0.21
C ARG G 21 -5.03 -28.25 -0.90
N SER G 22 -5.95 -27.35 -0.56
CA SER G 22 -6.90 -26.81 -1.54
C SER G 22 -6.18 -26.01 -2.63
N TRP G 23 -5.21 -25.17 -2.24
CA TRP G 23 -4.43 -24.43 -3.24
C TRP G 23 -3.69 -25.39 -4.19
N GLY G 24 -3.15 -26.47 -3.63
CA GLY G 24 -2.50 -27.49 -4.45
C GLY G 24 -3.41 -28.02 -5.54
N VAL G 25 -4.67 -28.31 -5.19
CA VAL G 25 -5.65 -28.74 -6.19
C VAL G 25 -5.94 -27.64 -7.23
N LEU G 26 -6.23 -26.44 -6.75
CA LEU G 26 -6.53 -25.33 -7.67
C LEU G 26 -5.38 -25.04 -8.64
N SER G 27 -4.15 -25.29 -8.20
CA SER G 27 -2.96 -25.02 -9.00
CA SER G 27 -2.93 -25.06 -8.99
C SER G 27 -2.79 -25.98 -10.20
N ALA G 28 -3.62 -27.02 -10.26
CA ALA G 28 -3.58 -27.92 -11.42
C ALA G 28 -4.03 -27.18 -12.69
N ASP G 29 -4.80 -26.11 -12.52
CA ASP G 29 -5.25 -25.33 -13.67
C ASP G 29 -5.62 -23.95 -13.17
N ILE G 30 -4.62 -23.07 -13.10
CA ILE G 30 -4.87 -21.76 -12.52
CA ILE G 30 -4.74 -21.69 -12.62
C ILE G 30 -5.81 -20.90 -13.38
N GLU G 31 -5.73 -20.99 -14.71
CA GLU G 31 -6.67 -20.21 -15.57
C GLU G 31 -8.11 -20.68 -15.36
N ALA G 32 -8.33 -22.00 -15.38
CA ALA G 32 -9.68 -22.53 -15.17
C ALA G 32 -10.23 -22.19 -13.79
N THR G 33 -9.37 -22.26 -12.77
CA THR G 33 -9.73 -21.85 -11.41
C THR G 33 -10.18 -20.38 -11.36
N GLY G 34 -9.37 -19.49 -11.93
CA GLY G 34 -9.69 -18.06 -11.91
C GLY G 34 -10.99 -17.77 -12.63
N LEU G 35 -11.17 -18.38 -13.80
CA LEU G 35 -12.40 -18.19 -14.58
C LEU G 35 -13.64 -18.73 -13.86
N MET G 36 -13.49 -19.87 -13.19
CA MET G 36 -14.60 -20.47 -12.46
C MET G 36 -14.99 -19.63 -11.25
N LEU G 37 -13.99 -19.12 -10.52
CA LEU G 37 -14.26 -18.23 -9.39
C LEU G 37 -15.03 -16.98 -9.85
N MET G 38 -14.58 -16.37 -10.94
CA MET G 38 -15.23 -15.15 -11.45
C MET G 38 -16.65 -15.46 -11.93
N SER G 39 -16.84 -16.60 -12.60
CA SER G 39 -18.18 -17.01 -13.03
C SER G 39 -19.11 -17.19 -11.82
N ASN G 40 -18.61 -17.85 -10.78
CA ASN G 40 -19.39 -18.01 -9.57
C ASN G 40 -19.71 -16.68 -8.87
N LEU G 41 -18.73 -15.77 -8.84
CA LEU G 41 -18.97 -14.43 -8.30
C LEU G 41 -20.11 -13.72 -9.04
N PHE G 42 -20.07 -13.73 -10.37
CA PHE G 42 -21.06 -12.98 -11.14
C PHE G 42 -22.44 -13.66 -11.22
N THR G 43 -22.47 -14.98 -11.05
CA THR G 43 -23.72 -15.74 -11.04
C THR G 43 -24.41 -15.70 -9.68
N LEU G 44 -23.64 -15.92 -8.61
CA LEU G 44 -24.21 -15.95 -7.27
C LEU G 44 -24.42 -14.56 -6.66
N ARG G 45 -23.54 -13.62 -7.04
CA ARG G 45 -23.59 -12.25 -6.56
C ARG G 45 -23.60 -11.25 -7.74
N PRO G 46 -24.68 -11.25 -8.55
CA PRO G 46 -24.66 -10.43 -9.77
C PRO G 46 -24.49 -8.92 -9.53
N ASP G 47 -24.82 -8.44 -8.33
CA ASP G 47 -24.67 -7.01 -7.98
C ASP G 47 -23.20 -6.56 -8.02
N THR G 48 -22.26 -7.48 -7.83
CA THR G 48 -20.83 -7.14 -7.87
C THR G 48 -20.34 -6.71 -9.26
N LYS G 49 -21.13 -7.00 -10.30
CA LYS G 49 -20.75 -6.62 -11.67
C LYS G 49 -20.50 -5.11 -11.81
N THR G 50 -21.19 -4.30 -11.00
CA THR G 50 -21.01 -2.85 -10.98
C THR G 50 -19.56 -2.36 -10.77
N TYR G 51 -18.74 -3.17 -10.10
CA TYR G 51 -17.33 -2.82 -9.84
C TYR G 51 -16.42 -3.07 -11.05
N PHE G 52 -16.93 -3.82 -12.02
CA PHE G 52 -16.08 -4.37 -13.07
C PHE G 52 -16.39 -3.84 -14.47
N THR G 53 -16.80 -2.58 -14.52
CA THR G 53 -17.19 -1.93 -15.76
C THR G 53 -16.14 -2.08 -16.87
N ARG G 54 -14.87 -1.95 -16.52
CA ARG G 54 -13.79 -1.96 -17.51
C ARG G 54 -13.68 -3.29 -18.26
N LEU G 55 -14.07 -4.38 -17.59
CA LEU G 55 -13.97 -5.71 -18.17
C LEU G 55 -14.98 -6.01 -19.27
N GLY G 56 -16.05 -5.23 -19.36
CA GLY G 56 -17.04 -5.42 -20.44
C GLY G 56 -17.99 -6.57 -20.15
N ASP G 57 -18.29 -7.36 -21.18
CA ASP G 57 -19.30 -8.43 -21.08
C ASP G 57 -18.73 -9.64 -20.35
N VAL G 58 -18.87 -9.66 -19.03
CA VAL G 58 -18.21 -10.71 -18.22
C VAL G 58 -18.83 -12.09 -18.39
N GLN G 59 -20.10 -12.15 -18.83
CA GLN G 59 -20.77 -13.44 -19.04
C GLN G 59 -20.11 -14.26 -20.15
N LYS G 60 -19.27 -13.59 -20.95
CA LYS G 60 -18.57 -14.23 -22.07
C LYS G 60 -17.38 -15.12 -21.64
N GLY G 61 -16.99 -15.05 -20.36
CA GLY G 61 -15.96 -15.95 -19.82
C GLY G 61 -14.62 -15.78 -20.52
N LYS G 62 -13.96 -16.90 -20.82
CA LYS G 62 -12.63 -16.90 -21.44
C LYS G 62 -12.56 -16.18 -22.78
N ALA G 63 -13.70 -16.05 -23.47
CA ALA G 63 -13.74 -15.37 -24.78
C ALA G 63 -13.53 -13.86 -24.64
N ASN G 64 -13.74 -13.36 -23.43
CA ASN G 64 -13.50 -11.96 -23.09
C ASN G 64 -12.08 -11.84 -22.57
N SER G 65 -11.18 -11.29 -23.39
CA SER G 65 -9.76 -11.26 -23.02
C SER G 65 -9.46 -10.44 -21.77
N LYS G 66 -10.22 -9.36 -21.55
CA LYS G 66 -10.01 -8.54 -20.34
C LYS G 66 -10.40 -9.32 -19.08
N LEU G 67 -11.54 -10.02 -19.13
CA LEU G 67 -11.95 -10.88 -18.03
CA LEU G 67 -11.96 -10.90 -18.05
C LEU G 67 -10.92 -12.00 -17.84
N ARG G 68 -10.44 -12.59 -18.94
CA ARG G 68 -9.45 -13.66 -18.86
C ARG G 68 -8.18 -13.17 -18.17
N GLY G 69 -7.72 -11.97 -18.53
CA GLY G 69 -6.54 -11.36 -17.91
C GLY G 69 -6.70 -11.16 -16.41
N HIS G 70 -7.88 -10.66 -16.01
CA HIS G 70 -8.17 -10.45 -14.61
C HIS G 70 -8.23 -11.80 -13.85
N ALA G 71 -8.92 -12.78 -14.43
CA ALA G 71 -9.14 -14.10 -13.79
C ALA G 71 -7.81 -14.81 -13.52
N ILE G 72 -6.91 -14.78 -14.51
CA ILE G 72 -5.57 -15.37 -14.33
C ILE G 72 -4.79 -14.58 -13.25
N THR G 73 -4.78 -13.25 -13.36
CA THR G 73 -3.99 -12.41 -12.46
C THR G 73 -4.43 -12.52 -10.99
N LEU G 74 -5.74 -12.63 -10.76
CA LEU G 74 -6.29 -12.79 -9.42
CA LEU G 74 -6.24 -12.76 -9.40
C LEU G 74 -5.61 -13.97 -8.69
N THR G 75 -5.39 -15.06 -9.42
CA THR G 75 -4.86 -16.26 -8.76
C THR G 75 -3.44 -16.07 -8.20
N TYR G 76 -2.68 -15.13 -8.74
CA TYR G 76 -1.31 -14.89 -8.27
C TYR G 76 -1.27 -14.16 -6.93
N ALA G 77 -2.32 -13.40 -6.61
CA ALA G 77 -2.50 -12.90 -5.24
C ALA G 77 -2.78 -14.06 -4.27
N LEU G 78 -3.68 -14.97 -4.65
CA LEU G 78 -3.96 -16.16 -3.82
C LEU G 78 -2.66 -16.95 -3.59
N ASN G 79 -1.86 -17.11 -4.65
CA ASN G 79 -0.60 -17.87 -4.56
C ASN G 79 0.32 -17.21 -3.52
N ASN G 80 0.45 -15.89 -3.59
CA ASN G 80 1.24 -15.08 -2.65
C ASN G 80 0.72 -15.24 -1.21
N PHE G 81 -0.60 -15.11 -1.02
CA PHE G 81 -1.21 -15.32 0.32
C PHE G 81 -0.83 -16.70 0.89
N VAL G 82 -1.00 -17.75 0.08
CA VAL G 82 -0.69 -19.11 0.54
C VAL G 82 0.79 -19.24 0.90
N ASP G 83 1.67 -18.65 0.09
CA ASP G 83 3.11 -18.66 0.37
C ASP G 83 3.51 -17.81 1.60
N SER G 84 2.55 -17.07 2.15
CA SER G 84 2.80 -16.20 3.31
C SER G 84 2.41 -16.81 4.65
N LEU G 85 1.84 -18.03 4.64
CA LEU G 85 1.17 -18.58 5.82
C LEU G 85 2.05 -18.90 7.03
N ASP G 86 3.33 -19.18 6.80
CA ASP G 86 4.27 -19.50 7.90
C ASP G 86 4.75 -18.23 8.65
N ASP G 87 4.38 -17.04 8.16
CA ASP G 87 4.98 -15.79 8.64
C ASP G 87 3.94 -14.68 8.77
N PRO G 88 3.37 -14.49 9.99
CA PRO G 88 2.35 -13.44 10.19
C PRO G 88 2.79 -12.07 9.68
N SER G 89 4.05 -11.70 9.89
CA SER G 89 4.53 -10.38 9.42
C SER G 89 4.45 -10.29 7.90
N ARG G 90 4.71 -11.40 7.20
CA ARG G 90 4.59 -11.40 5.74
C ARG G 90 3.13 -11.34 5.31
N LEU G 91 2.26 -12.17 5.89
CA LEU G 91 0.84 -12.14 5.51
C LEU G 91 0.27 -10.73 5.71
N LYS G 92 0.62 -10.09 6.84
CA LYS G 92 0.16 -8.74 7.11
C LYS G 92 0.59 -7.76 6.03
N CYS G 93 1.89 -7.70 5.72
CA CYS G 93 2.34 -6.67 4.77
C CYS G 93 1.89 -6.96 3.33
N VAL G 94 1.75 -8.23 2.97
CA VAL G 94 1.24 -8.62 1.64
C VAL G 94 -0.25 -8.29 1.51
N VAL G 95 -1.05 -8.54 2.54
CA VAL G 95 -2.47 -8.20 2.50
C VAL G 95 -2.68 -6.68 2.51
N GLU G 96 -1.91 -5.95 3.32
CA GLU G 96 -2.01 -4.48 3.34
CA GLU G 96 -2.07 -4.50 3.32
C GLU G 96 -1.65 -3.89 1.97
N LYS G 97 -0.63 -4.45 1.33
CA LYS G 97 -0.24 -4.04 -0.04
C LYS G 97 -1.39 -4.29 -1.02
N PHE G 98 -1.95 -5.49 -0.97
CA PHE G 98 -3.08 -5.92 -1.81
C PHE G 98 -4.30 -5.02 -1.65
N ALA G 99 -4.54 -4.60 -0.41
CA ALA G 99 -5.71 -3.79 -0.07
C ALA G 99 -5.70 -2.39 -0.68
N VAL G 100 -4.51 -1.83 -0.93
CA VAL G 100 -4.43 -0.40 -1.36
C VAL G 100 -5.33 -0.12 -2.56
N ASN G 101 -5.17 -0.91 -3.63
CA ASN G 101 -5.98 -0.66 -4.84
C ASN G 101 -7.47 -0.94 -4.62
N HIS G 102 -7.78 -1.90 -3.75
CA HIS G 102 -9.17 -2.23 -3.43
C HIS G 102 -9.85 -1.13 -2.60
N ILE G 103 -9.12 -0.55 -1.64
CA ILE G 103 -9.56 0.63 -0.90
C ILE G 103 -9.83 1.79 -1.85
N ASN G 104 -8.93 2.00 -2.81
CA ASN G 104 -9.05 3.13 -3.75
C ASN G 104 -10.26 2.98 -4.68
N ARG G 105 -10.68 1.74 -4.93
CA ARG G 105 -11.92 1.39 -5.65
C ARG G 105 -13.18 1.46 -4.81
N LYS G 106 -13.05 1.83 -3.54
CA LYS G 106 -14.20 1.94 -2.62
C LYS G 106 -14.89 0.58 -2.43
N ILE G 107 -14.08 -0.47 -2.29
CA ILE G 107 -14.60 -1.80 -1.96
C ILE G 107 -14.44 -2.00 -0.45
N SER G 108 -15.57 -2.02 0.25
CA SER G 108 -15.60 -2.21 1.70
C SER G 108 -15.32 -3.66 2.07
N GLY G 109 -15.05 -3.90 3.35
CA GLY G 109 -14.91 -5.27 3.87
C GLY G 109 -16.15 -6.09 3.57
N ASP G 110 -17.33 -5.50 3.81
CA ASP G 110 -18.60 -6.18 3.49
C ASP G 110 -18.72 -6.55 2.01
N ALA G 111 -18.37 -5.61 1.12
CA ALA G 111 -18.42 -5.86 -0.32
C ALA G 111 -17.46 -6.97 -0.74
N PHE G 112 -16.24 -6.94 -0.20
CA PHE G 112 -15.23 -7.95 -0.54
C PHE G 112 -15.68 -9.34 -0.12
N GLY G 113 -16.41 -9.42 0.99
CA GLY G 113 -16.99 -10.67 1.49
C GLY G 113 -17.89 -11.41 0.52
N ALA G 114 -18.37 -10.70 -0.52
CA ALA G 114 -19.13 -11.34 -1.59
C ALA G 114 -18.40 -12.52 -2.24
N ILE G 115 -17.06 -12.58 -2.10
CA ILE G 115 -16.28 -13.64 -2.72
C ILE G 115 -16.38 -14.98 -1.98
N VAL G 116 -16.82 -14.97 -0.73
CA VAL G 116 -16.72 -16.16 0.14
C VAL G 116 -17.53 -17.36 -0.34
N GLU G 117 -18.82 -17.18 -0.60
CA GLU G 117 -19.64 -18.28 -1.11
C GLU G 117 -19.26 -18.71 -2.55
N PRO G 118 -18.98 -17.73 -3.45
CA PRO G 118 -18.42 -18.13 -4.75
C PRO G 118 -17.15 -18.99 -4.60
N MET G 119 -16.27 -18.66 -3.66
CA MET G 119 -15.09 -19.50 -3.41
C MET G 119 -15.48 -20.91 -2.93
N LYS G 120 -16.41 -20.98 -1.98
CA LYS G 120 -16.92 -22.27 -1.47
C LYS G 120 -17.43 -23.15 -2.62
N GLU G 121 -18.21 -22.55 -3.52
CA GLU G 121 -18.81 -23.31 -4.62
C GLU G 121 -17.75 -23.76 -5.66
N THR G 122 -16.74 -22.91 -5.86
CA THR G 122 -15.58 -23.24 -6.70
C THR G 122 -14.80 -24.42 -6.10
N LEU G 123 -14.57 -24.37 -4.78
CA LEU G 123 -13.88 -25.47 -4.10
C LEU G 123 -14.66 -26.80 -4.23
N LYS G 124 -15.98 -26.74 -4.09
CA LYS G 124 -16.81 -27.96 -4.26
C LYS G 124 -16.67 -28.55 -5.67
N ALA G 125 -16.63 -27.67 -6.69
CA ALA G 125 -16.57 -28.09 -8.09
C ALA G 125 -15.19 -28.57 -8.55
N ARG G 126 -14.15 -28.30 -7.75
CA ARG G 126 -12.78 -28.64 -8.16
C ARG G 126 -12.06 -29.63 -7.24
N MET G 127 -12.57 -29.85 -6.01
CA MET G 127 -11.86 -30.71 -5.04
C MET G 127 -12.40 -32.14 -4.90
N GLY G 128 -13.51 -32.45 -5.59
CA GLY G 128 -14.17 -33.76 -5.44
C GLY G 128 -14.40 -34.08 -3.97
N ASN G 129 -14.13 -35.33 -3.58
CA ASN G 129 -14.39 -35.78 -2.22
C ASN G 129 -13.44 -35.19 -1.18
N TYR G 130 -12.40 -34.48 -1.62
CA TYR G 130 -11.51 -33.78 -0.68
C TYR G 130 -12.10 -32.48 -0.14
N TYR G 131 -13.20 -32.00 -0.74
CA TYR G 131 -13.91 -30.85 -0.19
C TYR G 131 -14.46 -31.16 1.21
N SER G 132 -14.40 -30.17 2.08
CA SER G 132 -15.11 -30.20 3.36
C SER G 132 -15.51 -28.76 3.72
N ASP G 133 -16.52 -28.62 4.58
CA ASP G 133 -16.89 -27.28 5.05
C ASP G 133 -15.74 -26.59 5.81
N ASP G 134 -14.85 -27.38 6.44
CA ASP G 134 -13.64 -26.83 7.07
C ASP G 134 -12.71 -26.15 6.05
N VAL G 135 -12.63 -26.72 4.84
CA VAL G 135 -11.86 -26.08 3.76
C VAL G 135 -12.45 -24.71 3.43
N ALA G 136 -13.77 -24.66 3.29
CA ALA G 136 -14.45 -23.39 3.01
C ALA G 136 -14.22 -22.38 4.15
N GLY G 137 -14.27 -22.86 5.39
CA GLY G 137 -14.01 -22.01 6.56
C GLY G 137 -12.60 -21.44 6.59
N ALA G 138 -11.64 -22.21 6.12
CA ALA G 138 -10.25 -21.74 6.02
C ALA G 138 -10.14 -20.56 5.06
N TRP G 139 -10.77 -20.68 3.89
CA TRP G 139 -10.79 -19.57 2.92
C TRP G 139 -11.56 -18.34 3.47
N ALA G 140 -12.65 -18.57 4.18
CA ALA G 140 -13.37 -17.47 4.84
C ALA G 140 -12.46 -16.71 5.84
N ALA G 141 -11.66 -17.45 6.60
CA ALA G 141 -10.73 -16.83 7.55
C ALA G 141 -9.65 -16.01 6.84
N LEU G 142 -9.13 -16.54 5.73
CA LEU G 142 -8.13 -15.82 4.94
C LEU G 142 -8.72 -14.53 4.35
N VAL G 143 -9.90 -14.66 3.75
CA VAL G 143 -10.63 -13.49 3.24
C VAL G 143 -10.86 -12.48 4.37
N GLY G 144 -11.13 -12.98 5.58
CA GLY G 144 -11.29 -12.12 6.76
C GLY G 144 -10.10 -11.19 7.02
N VAL G 145 -8.90 -11.64 6.69
CA VAL G 145 -7.70 -10.80 6.83
C VAL G 145 -7.81 -9.60 5.88
N VAL G 146 -8.16 -9.84 4.62
CA VAL G 146 -8.39 -8.76 3.65
C VAL G 146 -9.49 -7.82 4.15
N GLN G 147 -10.61 -8.39 4.61
CA GLN G 147 -11.72 -7.57 5.10
C GLN G 147 -11.31 -6.62 6.23
N ALA G 148 -10.50 -7.10 7.16
CA ALA G 148 -9.99 -6.27 8.26
C ALA G 148 -9.10 -5.12 7.77
N ALA G 149 -8.42 -5.33 6.63
CA ALA G 149 -7.50 -4.36 6.05
C ALA G 149 -8.21 -3.29 5.22
N LEU G 150 -9.45 -3.54 4.84
CA LEU G 150 -10.19 -2.62 3.96
C LEU G 150 -10.91 -1.52 4.74
N SER H 2 -0.04 0.60 -30.73
CA SER H 2 0.71 -0.34 -29.87
C SER H 2 1.17 -1.56 -30.66
N ARG H 3 2.42 -1.96 -30.48
CA ARG H 3 2.94 -3.20 -31.07
C ARG H 3 2.98 -4.36 -30.08
N VAL H 4 2.19 -4.28 -29.02
CA VAL H 4 2.17 -5.34 -27.99
C VAL H 4 1.92 -6.74 -28.59
N ALA H 5 0.99 -6.84 -29.54
CA ALA H 5 0.63 -8.13 -30.14
C ALA H 5 1.81 -8.73 -30.91
N GLU H 6 2.49 -7.89 -31.68
CA GLU H 6 3.59 -8.31 -32.54
C GLU H 6 4.82 -8.71 -31.70
N LEU H 7 5.13 -7.91 -30.68
CA LEU H 7 6.26 -8.22 -29.79
C LEU H 7 5.96 -9.47 -28.96
N ALA H 8 4.73 -9.63 -28.50
CA ALA H 8 4.34 -10.84 -27.77
C ALA H 8 4.49 -12.08 -28.65
N ASN H 9 4.06 -12.00 -29.91
CA ASN H 9 4.19 -13.11 -30.84
CA ASN H 9 4.18 -13.10 -30.86
C ASN H 9 5.63 -13.56 -31.01
N ALA H 10 6.53 -12.59 -31.11
CA ALA H 10 7.95 -12.85 -31.28
C ALA H 10 8.56 -13.51 -30.04
N VAL H 11 8.16 -13.07 -28.85
CA VAL H 11 8.62 -13.72 -27.61
C VAL H 11 8.17 -15.18 -27.56
N VAL H 12 6.89 -15.44 -27.84
CA VAL H 12 6.36 -16.82 -27.80
C VAL H 12 7.02 -17.74 -28.84
N SER H 13 7.47 -17.16 -29.97
CA SER H 13 8.07 -17.95 -31.04
CA SER H 13 8.07 -17.91 -31.06
C SER H 13 9.59 -18.12 -30.92
N ASN H 14 10.23 -17.43 -29.99
CA ASN H 14 11.68 -17.49 -29.85
C ASN H 14 12.07 -18.49 -28.77
N ALA H 15 12.34 -19.71 -29.19
CA ALA H 15 12.60 -20.82 -28.26
C ALA H 15 13.84 -20.59 -27.40
N ASP H 16 14.92 -20.11 -28.00
CA ASP H 16 16.18 -19.92 -27.27
C ASP H 16 16.03 -18.88 -26.17
N GLN H 17 15.32 -17.80 -26.51
CA GLN H 17 15.06 -16.74 -25.57
C GLN H 17 14.15 -17.20 -24.43
N LYS H 18 13.09 -17.94 -24.77
CA LYS H 18 12.20 -18.49 -23.73
C LYS H 18 12.97 -19.41 -22.77
N ASP H 19 13.87 -20.22 -23.31
CA ASP H 19 14.71 -21.09 -22.46
C ASP H 19 15.54 -20.27 -21.47
N LEU H 20 16.12 -19.16 -21.94
CA LEU H 20 16.91 -18.29 -21.05
C LEU H 20 16.05 -17.63 -19.98
N LEU H 21 14.84 -17.19 -20.36
CA LEU H 21 13.90 -16.63 -19.39
C LEU H 21 13.52 -17.64 -18.28
N ARG H 22 13.18 -18.85 -18.67
CA ARG H 22 12.75 -19.86 -17.69
C ARG H 22 13.91 -20.33 -16.83
N MET H 23 15.09 -20.50 -17.42
CA MET H 23 16.27 -20.94 -16.66
C MET H 23 16.62 -19.88 -15.61
N SER H 24 16.75 -18.63 -16.05
CA SER H 24 17.11 -17.56 -15.09
C SER H 24 16.00 -17.32 -14.07
N TRP H 25 14.73 -17.44 -14.49
CA TRP H 25 13.62 -17.31 -13.54
C TRP H 25 13.67 -18.41 -12.46
N GLY H 26 14.09 -19.61 -12.85
CA GLY H 26 14.29 -20.71 -11.88
C GLY H 26 15.22 -20.31 -10.74
N VAL H 27 16.23 -19.49 -11.04
CA VAL H 27 17.15 -18.95 -10.01
C VAL H 27 16.55 -17.76 -9.26
N LEU H 28 15.99 -16.79 -10.00
CA LEU H 28 15.43 -15.58 -9.37
C LEU H 28 14.29 -15.88 -8.40
N SER H 29 13.55 -16.96 -8.64
CA SER H 29 12.35 -17.28 -7.86
C SER H 29 12.60 -18.22 -6.67
N VAL H 30 13.85 -18.66 -6.49
CA VAL H 30 14.19 -19.46 -5.30
C VAL H 30 13.80 -18.72 -4.01
N ASP H 31 14.14 -17.43 -3.97
CA ASP H 31 13.90 -16.58 -2.80
C ASP H 31 13.09 -15.38 -3.30
N MET H 32 11.77 -15.55 -3.37
CA MET H 32 10.90 -14.50 -3.93
C MET H 32 11.07 -13.20 -3.17
N GLU H 33 11.02 -13.25 -1.85
CA GLU H 33 11.15 -12.04 -1.04
C GLU H 33 12.53 -11.37 -1.19
N GLY H 34 13.60 -12.14 -1.03
CA GLY H 34 14.95 -11.59 -1.11
C GLY H 34 15.29 -11.02 -2.46
N THR H 35 14.88 -11.73 -3.52
CA THR H 35 15.14 -11.27 -4.90
C THR H 35 14.31 -10.03 -5.26
N GLY H 36 13.03 -10.03 -4.86
CA GLY H 36 12.20 -8.82 -4.99
C GLY H 36 12.82 -7.60 -4.31
N LEU H 37 13.29 -7.76 -3.07
CA LEU H 37 13.94 -6.64 -2.37
C LEU H 37 15.18 -6.16 -3.11
N MET H 38 15.99 -7.10 -3.58
CA MET H 38 17.23 -6.79 -4.28
C MET H 38 16.95 -5.99 -5.56
N LEU H 39 15.95 -6.44 -6.32
CA LEU H 39 15.58 -5.77 -7.57
C LEU H 39 15.13 -4.33 -7.28
N MET H 40 14.28 -4.14 -6.29
CA MET H 40 13.80 -2.81 -5.90
C MET H 40 14.93 -1.91 -5.41
N ALA H 41 15.83 -2.47 -4.58
CA ALA H 41 17.00 -1.72 -4.10
C ALA H 41 17.87 -1.23 -5.26
N ASN H 42 18.10 -2.09 -6.26
CA ASN H 42 18.86 -1.72 -7.45
C ASN H 42 18.15 -0.61 -8.26
N LEU H 43 16.83 -0.71 -8.37
CA LEU H 43 16.04 0.30 -9.06
C LEU H 43 16.22 1.68 -8.42
N PHE H 44 16.11 1.73 -7.09
CA PHE H 44 16.25 3.01 -6.38
C PHE H 44 17.68 3.59 -6.46
N LYS H 45 18.68 2.73 -6.57
CA LYS H 45 20.07 3.16 -6.71
C LYS H 45 20.36 3.83 -8.06
N THR H 46 19.77 3.29 -9.13
CA THR H 46 20.12 3.72 -10.49
C THR H 46 19.09 4.66 -11.14
N SER H 47 17.86 4.67 -10.61
CA SER H 47 16.83 5.60 -11.07
CA SER H 47 16.81 5.57 -11.07
C SER H 47 16.21 6.35 -9.89
N PRO H 48 16.90 7.43 -9.44
CA PRO H 48 16.40 8.16 -8.27
C PRO H 48 14.94 8.60 -8.38
N SER H 49 14.49 8.87 -9.62
CA SER H 49 13.10 9.25 -9.91
C SER H 49 12.07 8.17 -9.53
N ALA H 50 12.49 6.90 -9.51
CA ALA H 50 11.58 5.84 -9.10
C ALA H 50 11.16 6.00 -7.63
N LYS H 51 12.01 6.63 -6.83
CA LYS H 51 11.68 6.89 -5.41
C LYS H 51 10.42 7.74 -5.33
N GLY H 52 10.30 8.69 -6.26
CA GLY H 52 9.11 9.53 -6.36
C GLY H 52 7.85 8.75 -6.72
N LYS H 53 7.95 7.90 -7.74
CA LYS H 53 6.80 7.09 -8.13
C LYS H 53 6.34 6.20 -6.99
N PHE H 54 7.31 5.66 -6.25
CA PHE H 54 7.05 4.78 -5.13
C PHE H 54 6.95 5.52 -3.78
N ALA H 55 6.55 6.79 -3.81
CA ALA H 55 6.54 7.60 -2.58
C ALA H 55 5.65 7.06 -1.45
N ARG H 56 4.57 6.35 -1.78
CA ARG H 56 3.72 5.77 -0.74
C ARG H 56 4.49 4.81 0.17
N LEU H 57 5.57 4.23 -0.37
CA LEU H 57 6.38 3.27 0.39
C LEU H 57 7.27 3.93 1.44
N GLY H 58 7.41 5.26 1.37
CA GLY H 58 8.20 5.99 2.36
C GLY H 58 9.69 6.02 2.07
N ASP H 59 10.50 5.92 3.13
CA ASP H 59 11.96 5.99 2.97
C ASP H 59 12.47 4.68 2.40
N VAL H 60 12.63 4.62 1.08
CA VAL H 60 12.98 3.35 0.44
C VAL H 60 14.47 2.99 0.49
N SER H 61 15.33 4.00 0.62
CA SER H 61 16.77 3.78 0.74
C SER H 61 17.14 3.28 2.14
N ASP H 65 14.22 -2.67 6.36
CA ASP H 65 13.38 -2.34 7.51
C ASP H 65 12.24 -1.38 7.11
N ASN H 66 11.40 -1.85 6.19
CA ASN H 66 10.31 -1.06 5.62
C ASN H 66 9.24 -2.04 5.17
N SER H 67 8.16 -2.17 5.94
CA SER H 67 7.17 -3.22 5.67
C SER H 67 6.37 -2.96 4.41
N LYS H 68 6.14 -1.68 4.08
CA LYS H 68 5.46 -1.34 2.84
C LYS H 68 6.31 -1.74 1.63
N LEU H 69 7.60 -1.43 1.67
CA LEU H 69 8.51 -1.85 0.61
C LEU H 69 8.62 -3.39 0.54
N ARG H 70 8.63 -4.04 1.70
CA ARG H 70 8.64 -5.51 1.74
C ARG H 70 7.41 -6.09 1.03
N GLY H 71 6.23 -5.56 1.37
CA GLY H 71 4.98 -6.04 0.78
C GLY H 71 4.95 -5.84 -0.73
N HIS H 72 5.38 -4.66 -1.19
CA HIS H 72 5.43 -4.43 -2.64
C HIS H 72 6.44 -5.33 -3.34
N SER H 73 7.64 -5.46 -2.76
CA SER H 73 8.74 -6.22 -3.36
C SER H 73 8.37 -7.70 -3.57
N ILE H 74 7.72 -8.31 -2.58
CA ILE H 74 7.26 -9.70 -2.72
C ILE H 74 6.21 -9.79 -3.84
N THR H 75 5.28 -8.83 -3.83
CA THR H 75 4.15 -8.83 -4.75
C THR H 75 4.60 -8.67 -6.22
N LEU H 76 5.62 -7.85 -6.44
CA LEU H 76 6.15 -7.66 -7.80
C LEU H 76 6.62 -9.00 -8.39
N MET H 77 7.21 -9.85 -7.57
CA MET H 77 7.73 -11.12 -8.08
C MET H 77 6.64 -12.08 -8.59
N TYR H 78 5.44 -11.99 -8.04
CA TYR H 78 4.31 -12.79 -8.52
C TYR H 78 3.75 -12.30 -9.88
N ALA H 79 4.01 -11.02 -10.22
CA ALA H 79 3.70 -10.56 -11.58
C ALA H 79 4.70 -11.12 -12.58
N LEU H 80 5.98 -11.19 -12.19
CA LEU H 80 6.98 -11.86 -13.05
C LEU H 80 6.65 -13.36 -13.26
N GLN H 81 6.19 -14.03 -12.20
CA GLN H 81 5.78 -15.44 -12.32
C GLN H 81 4.65 -15.58 -13.36
N ASN H 82 3.67 -14.68 -13.27
CA ASN H 82 2.52 -14.58 -14.19
C ASN H 82 3.04 -14.44 -15.65
N PHE H 83 3.95 -13.51 -15.90
CA PHE H 83 4.52 -13.35 -17.26
C PHE H 83 5.20 -14.64 -17.73
N VAL H 84 6.04 -15.24 -16.86
CA VAL H 84 6.79 -16.44 -17.25
C VAL H 84 5.83 -17.59 -17.57
N ASP H 85 4.79 -17.74 -16.76
CA ASP H 85 3.77 -18.78 -16.98
C ASP H 85 2.97 -18.59 -18.27
N ALA H 86 3.06 -17.41 -18.88
CA ALA H 86 2.33 -17.11 -20.13
C ALA H 86 3.16 -17.29 -21.42
N LEU H 87 4.42 -17.68 -21.29
CA LEU H 87 5.35 -17.64 -22.43
C LEU H 87 5.04 -18.59 -23.60
N ASP H 88 4.20 -19.60 -23.39
CA ASP H 88 3.85 -20.55 -24.46
C ASP H 88 2.51 -20.27 -25.15
N ASP H 89 1.84 -19.18 -24.79
CA ASP H 89 0.49 -18.90 -25.30
C ASP H 89 0.39 -17.41 -25.56
N VAL H 90 0.41 -17.01 -26.84
CA VAL H 90 0.44 -15.58 -27.16
C VAL H 90 -0.79 -14.81 -26.66
N GLU H 91 -1.97 -15.40 -26.78
CA GLU H 91 -3.20 -14.73 -26.30
C GLU H 91 -3.16 -14.60 -24.78
N ARG H 92 -2.59 -15.59 -24.09
CA ARG H 92 -2.44 -15.47 -22.64
C ARG H 92 -1.45 -14.35 -22.28
N LEU H 93 -0.29 -14.32 -22.92
CA LEU H 93 0.72 -13.30 -22.63
C LEU H 93 0.13 -11.90 -22.89
N LYS H 94 -0.53 -11.72 -24.03
CA LYS H 94 -1.14 -10.41 -24.33
C LYS H 94 -2.13 -9.99 -23.25
N CYS H 95 -3.06 -10.86 -22.87
CA CYS H 95 -4.10 -10.44 -21.91
C CYS H 95 -3.55 -10.17 -20.50
N VAL H 96 -2.52 -10.91 -20.07
CA VAL H 96 -1.93 -10.62 -18.76
C VAL H 96 -1.07 -9.34 -18.78
N VAL H 97 -0.37 -9.07 -19.89
CA VAL H 97 0.41 -7.83 -20.02
C VAL H 97 -0.53 -6.61 -20.06
N GLU H 98 -1.61 -6.69 -20.82
CA GLU H 98 -2.55 -5.57 -20.92
CA GLU H 98 -2.59 -5.60 -20.93
C GLU H 98 -3.22 -5.31 -19.56
N LYS H 99 -3.55 -6.38 -18.83
CA LYS H 99 -4.12 -6.28 -17.46
C LYS H 99 -3.13 -5.56 -16.53
N PHE H 100 -1.88 -6.03 -16.53
CA PHE H 100 -0.79 -5.46 -15.74
C PHE H 100 -0.60 -3.96 -16.03
N ALA H 101 -0.72 -3.60 -17.30
CA ALA H 101 -0.45 -2.24 -17.75
C ALA H 101 -1.44 -1.20 -17.22
N VAL H 102 -2.69 -1.61 -16.97
CA VAL H 102 -3.75 -0.67 -16.55
C VAL H 102 -3.31 0.23 -15.39
N ASN H 103 -2.90 -0.37 -14.26
CA ASN H 103 -2.52 0.43 -13.10
C ASN H 103 -1.27 1.26 -13.36
N HIS H 104 -0.37 0.76 -14.18
CA HIS H 104 0.88 1.47 -14.47
C HIS H 104 0.63 2.71 -15.35
N ILE H 105 -0.24 2.58 -16.34
CA ILE H 105 -0.72 3.73 -17.11
C ILE H 105 -1.37 4.76 -16.18
N ASN H 106 -2.22 4.28 -15.25
CA ASN H 106 -2.95 5.17 -14.33
C ASN H 106 -2.03 5.95 -13.39
N ARG H 107 -0.84 5.42 -13.15
CA ARG H 107 0.21 6.05 -12.35
C ARG H 107 1.16 6.90 -13.16
N GLN H 108 0.89 7.02 -14.46
CA GLN H 108 1.70 7.86 -15.35
C GLN H 108 3.13 7.31 -15.50
N ILE H 109 3.27 5.98 -15.54
CA ILE H 109 4.56 5.35 -15.83
C ILE H 109 4.70 5.17 -17.33
N SER H 110 5.53 6.00 -17.98
CA SER H 110 5.72 5.91 -19.44
C SER H 110 6.51 4.65 -19.82
N ALA H 111 6.47 4.29 -21.11
CA ALA H 111 7.29 3.20 -21.62
C ALA H 111 8.77 3.43 -21.33
N ASP H 112 9.26 4.64 -21.59
CA ASP H 112 10.69 4.96 -21.41
C ASP H 112 11.07 4.82 -19.93
N GLU H 113 10.17 5.25 -19.05
CA GLU H 113 10.39 5.17 -17.62
C GLU H 113 10.43 3.71 -17.12
N PHE H 114 9.49 2.90 -17.58
CA PHE H 114 9.44 1.48 -17.21
C PHE H 114 10.73 0.76 -17.59
N GLY H 115 11.34 1.16 -18.70
CA GLY H 115 12.56 0.53 -19.22
C GLY H 115 13.77 0.71 -18.32
N GLU H 116 13.67 1.63 -17.35
CA GLU H 116 14.71 1.78 -16.33
CA GLU H 116 14.75 1.78 -16.37
C GLU H 116 14.88 0.54 -15.46
N ILE H 117 13.95 -0.41 -15.56
CA ILE H 117 14.07 -1.67 -14.79
C ILE H 117 15.13 -2.63 -15.36
N VAL H 118 15.54 -2.45 -16.61
CA VAL H 118 16.43 -3.45 -17.26
C VAL H 118 17.82 -3.49 -16.61
N GLY H 119 18.42 -2.33 -16.34
CA GLY H 119 19.68 -2.26 -15.62
C GLY H 119 19.64 -2.94 -14.25
N PRO H 120 18.63 -2.60 -13.43
CA PRO H 120 18.43 -3.28 -12.15
C PRO H 120 18.25 -4.79 -12.28
N LEU H 121 17.54 -5.24 -13.33
CA LEU H 121 17.41 -6.68 -13.59
CA LEU H 121 17.41 -6.66 -13.60
C LEU H 121 18.76 -7.29 -13.92
N ARG H 122 19.57 -6.60 -14.72
CA ARG H 122 20.93 -7.07 -15.05
C ARG H 122 21.79 -7.22 -13.78
N GLN H 123 21.75 -6.23 -12.90
CA GLN H 123 22.51 -6.28 -11.64
C GLN H 123 22.04 -7.43 -10.74
N THR H 124 20.72 -7.63 -10.66
CA THR H 124 20.12 -8.71 -9.90
C THR H 124 20.52 -10.08 -10.49
N LEU H 125 20.48 -10.20 -11.81
CA LEU H 125 20.97 -11.43 -12.48
C LEU H 125 22.45 -11.69 -12.22
N LYS H 126 23.28 -10.65 -12.23
CA LYS H 126 24.70 -10.81 -11.95
C LYS H 126 24.90 -11.37 -10.53
N ALA H 127 24.17 -10.80 -9.56
CA ALA H 127 24.28 -11.24 -8.16
C ALA H 127 23.79 -12.69 -7.97
N ARG H 128 22.73 -13.07 -8.69
CA ARG H 128 22.10 -14.38 -8.49
C ARG H 128 22.73 -15.49 -9.31
N MET H 129 23.22 -15.16 -10.50
CA MET H 129 23.72 -16.18 -11.45
C MET H 129 25.21 -16.48 -11.29
N GLY H 130 25.93 -15.58 -10.64
CA GLY H 130 27.36 -15.77 -10.37
C GLY H 130 28.18 -15.97 -11.63
N ASN H 131 28.94 -17.07 -11.66
CA ASN H 131 29.82 -17.36 -12.79
C ASN H 131 29.07 -17.77 -14.05
N TYR H 132 27.76 -17.96 -13.93
CA TYR H 132 26.92 -18.34 -15.07
C TYR H 132 26.06 -17.18 -15.57
N PHE H 133 26.34 -15.99 -15.08
CA PHE H 133 25.74 -14.79 -15.65
C PHE H 133 26.21 -14.64 -17.10
N ASP H 134 25.28 -14.27 -18.00
CA ASP H 134 25.66 -13.85 -19.36
C ASP H 134 24.72 -12.77 -19.89
N GLU H 135 25.22 -12.00 -20.87
CA GLU H 135 24.48 -10.88 -21.46
C GLU H 135 23.30 -11.34 -22.29
N ASP H 136 23.36 -12.55 -22.85
CA ASP H 136 22.23 -13.09 -23.60
C ASP H 136 20.98 -13.24 -22.71
N THR H 137 21.19 -13.54 -21.43
CA THR H 137 20.08 -13.64 -20.47
C THR H 137 19.46 -12.24 -20.22
N VAL H 138 20.32 -11.23 -20.11
CA VAL H 138 19.85 -9.84 -19.99
C VAL H 138 19.03 -9.45 -21.22
N ALA H 139 19.52 -9.79 -22.41
CA ALA H 139 18.83 -9.48 -23.65
C ALA H 139 17.43 -10.14 -23.71
N ALA H 140 17.32 -11.36 -23.20
CA ALA H 140 16.04 -12.06 -23.16
C ALA H 140 15.03 -11.33 -22.27
N TRP H 141 15.49 -10.90 -21.08
CA TRP H 141 14.65 -10.07 -20.20
C TRP H 141 14.29 -8.71 -20.81
N ALA H 142 15.24 -8.08 -21.48
CA ALA H 142 14.93 -6.80 -22.17
C ALA H 142 13.84 -7.00 -23.22
N SER H 143 13.85 -8.13 -23.92
CA SER H 143 12.79 -8.42 -24.90
C SER H 143 11.42 -8.55 -24.23
N LEU H 144 11.35 -9.27 -23.11
CA LEU H 144 10.07 -9.41 -22.41
C LEU H 144 9.59 -8.06 -21.86
N VAL H 145 10.52 -7.30 -21.27
CA VAL H 145 10.17 -5.96 -20.77
C VAL H 145 9.62 -5.07 -21.89
N ALA H 146 10.19 -5.18 -23.10
CA ALA H 146 9.72 -4.39 -24.26
C ALA H 146 8.27 -4.71 -24.63
N VAL H 147 7.81 -5.93 -24.41
CA VAL H 147 6.38 -6.26 -24.60
C VAL H 147 5.51 -5.44 -23.64
N VAL H 148 5.91 -5.37 -22.37
CA VAL H 148 5.20 -4.57 -21.39
C VAL H 148 5.26 -3.07 -21.75
N GLN H 149 6.45 -2.58 -22.15
CA GLN H 149 6.62 -1.18 -22.55
C GLN H 149 5.64 -0.81 -23.68
N ALA H 150 5.46 -1.71 -24.63
CA ALA H 150 4.54 -1.47 -25.77
C ALA H 150 3.09 -1.24 -25.32
N ALA H 151 2.72 -1.83 -24.18
CA ALA H 151 1.36 -1.73 -23.62
C ALA H 151 1.16 -0.45 -22.78
N LEU H 152 2.24 0.32 -22.57
CA LEU H 152 2.18 1.53 -21.74
C LEU H 152 2.00 2.79 -22.57
#